data_4U34
# 
_entry.id   4U34 
# 
_audit_conform.dict_name       mmcif_pdbx.dic 
_audit_conform.dict_version    5.379 
_audit_conform.dict_location   http://mmcif.pdb.org/dictionaries/ascii/mmcif_pdbx.dic 
# 
loop_
_database_2.database_id 
_database_2.database_code 
_database_2.pdbx_database_accession 
_database_2.pdbx_DOI 
PDB   4U34         pdb_00004u34 10.2210/pdb4u34/pdb 
WWPDB D_1000202726 ?            ?                   
# 
loop_
_pdbx_database_related.content_type 
_pdbx_database_related.db_id 
_pdbx_database_related.db_name 
_pdbx_database_related.details 
unspecified 4U35 PDB . 
unspecified 4U37 PDB . 
unspecified 4U38 PDB . 
# 
_pdbx_database_status.status_code                     REL 
_pdbx_database_status.status_code_sf                  REL 
_pdbx_database_status.status_code_mr                  ? 
_pdbx_database_status.entry_id                        4U34 
_pdbx_database_status.recvd_initial_deposition_date   2014-07-18 
_pdbx_database_status.SG_entry                        N 
_pdbx_database_status.deposit_site                    RCSB 
_pdbx_database_status.process_site                    RCSB 
_pdbx_database_status.status_code_cs                  ? 
_pdbx_database_status.methods_development_category    ? 
_pdbx_database_status.pdb_format_compatible           Y 
_pdbx_database_status.status_code_nmr_data            ? 
# 
loop_
_audit_author.name 
_audit_author.pdbx_ordinal 
'Sheng, J.'     1 
'Larsen, A.'    2 
'Heuberger, B.' 3 
'Blain, J.C.'   4 
'Szostak, J.W.' 5 
# 
_citation.abstract                  ? 
_citation.abstract_id_CAS           ? 
_citation.book_id_ISBN              ? 
_citation.book_publisher            ? 
_citation.book_publisher_city       ? 
_citation.book_title                ? 
_citation.coordinate_linkage        ? 
_citation.country                   US 
_citation.database_id_Medline       ? 
_citation.details                   ? 
_citation.id                        primary 
_citation.journal_abbrev            J.Am.Chem.Soc. 
_citation.journal_id_ASTM           JACSAT 
_citation.journal_id_CSD            ? 
_citation.journal_id_ISSN           1520-5126 
_citation.journal_full              ? 
_citation.journal_issue             ? 
_citation.journal_volume            136 
_citation.language                  ? 
_citation.page_first                13916 
_citation.page_last                 13924 
_citation.title                     'Crystal Structure Studies of RNA Duplexes Containing s(2)U:A and s(2)U:U Base Pairs.' 
_citation.year                      2014 
_citation.database_id_CSD           ? 
_citation.pdbx_database_id_DOI      10.1021/ja508015a 
_citation.pdbx_database_id_PubMed   25188906 
_citation.unpublished_flag          ? 
# 
loop_
_citation_author.citation_id 
_citation_author.name 
_citation_author.ordinal 
_citation_author.identifier_ORCID 
primary 'Sheng, J.'       1 ? 
primary 'Larsen, A.'      2 ? 
primary 'Heuberger, B.D.' 3 ? 
primary 'Blain, J.C.'     4 ? 
primary 'Szostak, J.W.'   5 ? 
# 
_cell.entry_id           4U34 
_cell.length_a           37.385 
_cell.length_b           38.683 
_cell.length_c           30.072 
_cell.angle_alpha        90.00 
_cell.angle_beta         109.18 
_cell.angle_gamma        90.00 
_cell.Z_PDB              4 
_cell.pdbx_unique_axis   ? 
# 
_symmetry.entry_id                         4U34 
_symmetry.cell_setting                     ? 
_symmetry.Int_Tables_number                5 
_symmetry.space_group_name_Hall            ? 
_symmetry.space_group_name_H-M             'C 1 2 1' 
_symmetry.pdbx_full_space_group_name_H-M   ? 
# 
loop_
_entity.id 
_entity.type 
_entity.src_method 
_entity.pdbx_description 
_entity.formula_weight 
_entity.pdbx_number_of_molecules 
_entity.pdbx_ec 
_entity.pdbx_mutation 
_entity.pdbx_fragment 
_entity.details 
1 polymer syn 
;RNA (5'-R(*UP*AP*GP*CP*(SUR)P*CP*C-3')
;
2173.397 1  ? ? ? ? 
2 polymer syn 
;RNA (5'-R(*GP*GP*AP*GP*CP*UP*A)-3')
;
2260.419 1  ? ? ? ? 
3 water   nat water                                    18.015   97 ? ? ? ? 
# 
loop_
_entity_poly.entity_id 
_entity_poly.type 
_entity_poly.nstd_linkage 
_entity_poly.nstd_monomer 
_entity_poly.pdbx_seq_one_letter_code 
_entity_poly.pdbx_seq_one_letter_code_can 
_entity_poly.pdbx_strand_id 
_entity_poly.pdbx_target_identifier 
1 polyribonucleotide no yes 'UAGC(SUR)CC' UAGCUCC A ? 
2 polyribonucleotide no no  GGAGCUA       GGAGCUA B ? 
# 
loop_
_entity_poly_seq.entity_id 
_entity_poly_seq.num 
_entity_poly_seq.mon_id 
_entity_poly_seq.hetero 
1 1 U   n 
1 2 A   n 
1 3 G   n 
1 4 C   n 
1 5 SUR n 
1 6 C   n 
1 7 C   n 
2 1 G   n 
2 2 G   n 
2 3 A   n 
2 4 G   n 
2 5 C   n 
2 6 U   n 
2 7 A   n 
# 
loop_
_pdbx_entity_src_syn.entity_id 
_pdbx_entity_src_syn.pdbx_src_id 
_pdbx_entity_src_syn.pdbx_alt_source_flag 
_pdbx_entity_src_syn.pdbx_beg_seq_num 
_pdbx_entity_src_syn.pdbx_end_seq_num 
_pdbx_entity_src_syn.organism_scientific 
_pdbx_entity_src_syn.organism_common_name 
_pdbx_entity_src_syn.ncbi_taxonomy_id 
_pdbx_entity_src_syn.details 
1 1 sample 1 7 'synthetic construct' ? 32630 ? 
2 1 sample 1 7 'synthetic construct' ? 32630 ? 
# 
loop_
_struct_ref.id 
_struct_ref.db_name 
_struct_ref.db_code 
_struct_ref.pdbx_db_accession 
_struct_ref.pdbx_db_isoform 
_struct_ref.entity_id 
_struct_ref.pdbx_seq_one_letter_code 
_struct_ref.pdbx_align_begin 
1 PDB 4U34 4U34 ? 1 ? 1 
2 PDB 4U34 4U34 ? 2 ? 1 
# 
loop_
_struct_ref_seq.align_id 
_struct_ref_seq.ref_id 
_struct_ref_seq.pdbx_PDB_id_code 
_struct_ref_seq.pdbx_strand_id 
_struct_ref_seq.seq_align_beg 
_struct_ref_seq.pdbx_seq_align_beg_ins_code 
_struct_ref_seq.seq_align_end 
_struct_ref_seq.pdbx_seq_align_end_ins_code 
_struct_ref_seq.pdbx_db_accession 
_struct_ref_seq.db_align_beg 
_struct_ref_seq.pdbx_db_align_beg_ins_code 
_struct_ref_seq.db_align_end 
_struct_ref_seq.pdbx_db_align_end_ins_code 
_struct_ref_seq.pdbx_auth_seq_align_beg 
_struct_ref_seq.pdbx_auth_seq_align_end 
1 1 4U34 A 1 ? 7 ? 4U34 1 ? 7  ? 1 7  
2 2 4U34 B 1 ? 7 ? 4U34 8 ? 14 ? 8 14 
# 
loop_
_chem_comp.id 
_chem_comp.type 
_chem_comp.mon_nstd_flag 
_chem_comp.name 
_chem_comp.pdbx_synonyms 
_chem_comp.formula 
_chem_comp.formula_weight 
A   'RNA linking' y "ADENOSINE-5'-MONOPHOSPHATE"                          ? 'C10 H14 N5 O7 P'  347.221 
C   'RNA linking' y "CYTIDINE-5'-MONOPHOSPHATE"                           ? 'C9 H14 N3 O8 P'   323.197 
G   'RNA linking' y "GUANOSINE-5'-MONOPHOSPHATE"                          ? 'C10 H14 N5 O8 P'  363.221 
HOH non-polymer   . WATER                                                 ? 'H2 O'             18.015  
SUR 'RNA linking' n "1-(BETA-D-RIBOFURANOSYL)-2-THIO-URACIL-5'-PHOSPHATE" ? 'C9 H13 N2 O8 P S' 340.247 
U   'RNA linking' y "URIDINE-5'-MONOPHOSPHATE"                            ? 'C9 H13 N2 O9 P'   324.181 
# 
_exptl.absorpt_coefficient_mu     ? 
_exptl.absorpt_correction_T_max   ? 
_exptl.absorpt_correction_T_min   ? 
_exptl.absorpt_correction_type    ? 
_exptl.absorpt_process_details    ? 
_exptl.entry_id                   4U34 
_exptl.crystals_number            ? 
_exptl.details                    ? 
_exptl.method                     'X-RAY DIFFRACTION' 
_exptl.method_details             ? 
# 
_exptl_crystal.colour                      ? 
_exptl_crystal.density_diffrn              ? 
_exptl_crystal.density_Matthews            2.45 
_exptl_crystal.density_method              ? 
_exptl_crystal.density_percent_sol         49.7 
_exptl_crystal.description                 ? 
_exptl_crystal.F_000                       ? 
_exptl_crystal.id                          1 
_exptl_crystal.preparation                 ? 
_exptl_crystal.size_max                    ? 
_exptl_crystal.size_mid                    ? 
_exptl_crystal.size_min                    ? 
_exptl_crystal.size_rad                    ? 
_exptl_crystal.colour_lustre               ? 
_exptl_crystal.colour_modifier             ? 
_exptl_crystal.colour_primary              ? 
_exptl_crystal.density_meas                ? 
_exptl_crystal.density_meas_esd            ? 
_exptl_crystal.density_meas_gt             ? 
_exptl_crystal.density_meas_lt             ? 
_exptl_crystal.density_meas_temp           ? 
_exptl_crystal.density_meas_temp_esd       ? 
_exptl_crystal.density_meas_temp_gt        ? 
_exptl_crystal.density_meas_temp_lt        ? 
_exptl_crystal.pdbx_crystal_image_url      ? 
_exptl_crystal.pdbx_crystal_image_format   ? 
_exptl_crystal.pdbx_mosaicity              ? 
_exptl_crystal.pdbx_mosaicity_esd          ? 
# 
_exptl_crystal_grow.apparatus       ? 
_exptl_crystal_grow.atmosphere      ? 
_exptl_crystal_grow.crystal_id      1 
_exptl_crystal_grow.details         ? 
_exptl_crystal_grow.method          'VAPOR DIFFUSION, HANGING DROP' 
_exptl_crystal_grow.method_ref      ? 
_exptl_crystal_grow.pH              6.0 
_exptl_crystal_grow.pressure        ? 
_exptl_crystal_grow.pressure_esd    ? 
_exptl_crystal_grow.seeding         ? 
_exptl_crystal_grow.seeding_ref     ? 
_exptl_crystal_grow.temp            293 
_exptl_crystal_grow.temp_details    ? 
_exptl_crystal_grow.temp_esd        ? 
_exptl_crystal_grow.time            ? 
_exptl_crystal_grow.pdbx_details    '10% MPD, 40 mM Na cacodylate pH 6.0, 12 mM spermine tetra-HCl and 80 mM NaCl' 
_exptl_crystal_grow.pdbx_pH_range   ? 
# 
_diffrn.ambient_environment    ? 
_diffrn.ambient_temp           99 
_diffrn.ambient_temp_details   ? 
_diffrn.ambient_temp_esd       ? 
_diffrn.crystal_id             1 
_diffrn.crystal_support        ? 
_diffrn.crystal_treatment      ? 
_diffrn.details                ? 
_diffrn.id                     1 
_diffrn.ambient_pressure       ? 
_diffrn.ambient_pressure_esd   ? 
_diffrn.ambient_pressure_gt    ? 
_diffrn.ambient_pressure_lt    ? 
_diffrn.ambient_temp_gt        ? 
_diffrn.ambient_temp_lt        ? 
# 
_diffrn_detector.details                      ? 
_diffrn_detector.detector                     CCD 
_diffrn_detector.diffrn_id                    1 
_diffrn_detector.type                         'ADSC QUANTUM 315' 
_diffrn_detector.area_resol_mean              ? 
_diffrn_detector.dtime                        ? 
_diffrn_detector.pdbx_frames_total            ? 
_diffrn_detector.pdbx_collection_time_total   ? 
_diffrn_detector.pdbx_collection_date         2012-04-17 
# 
_diffrn_radiation.collimation                      ? 
_diffrn_radiation.diffrn_id                        1 
_diffrn_radiation.filter_edge                      ? 
_diffrn_radiation.inhomogeneity                    ? 
_diffrn_radiation.monochromator                    'Double crystal, Si(111)' 
_diffrn_radiation.polarisn_norm                    ? 
_diffrn_radiation.polarisn_ratio                   ? 
_diffrn_radiation.probe                            ? 
_diffrn_radiation.type                             ? 
_diffrn_radiation.xray_symbol                      ? 
_diffrn_radiation.wavelength_id                    1 
_diffrn_radiation.pdbx_monochromatic_or_laue_m_l   M 
_diffrn_radiation.pdbx_wavelength_list             ? 
_diffrn_radiation.pdbx_wavelength                  ? 
_diffrn_radiation.pdbx_diffrn_protocol             'SINGLE WAVELENGTH' 
_diffrn_radiation.pdbx_analyzer                    ? 
_diffrn_radiation.pdbx_scattering_type             x-ray 
# 
_diffrn_radiation_wavelength.id           1 
_diffrn_radiation_wavelength.wavelength   1.0 
_diffrn_radiation_wavelength.wt           1.0 
# 
_diffrn_source.current                     ? 
_diffrn_source.details                     ? 
_diffrn_source.diffrn_id                   1 
_diffrn_source.power                       ? 
_diffrn_source.size                        ? 
_diffrn_source.source                      SYNCHROTRON 
_diffrn_source.target                      ? 
_diffrn_source.type                        'ALS BEAMLINE 8.2.2' 
_diffrn_source.voltage                     ? 
_diffrn_source.take-off_angle              ? 
_diffrn_source.pdbx_wavelength_list        1.0 
_diffrn_source.pdbx_wavelength             ? 
_diffrn_source.pdbx_synchrotron_beamline   8.2.2 
_diffrn_source.pdbx_synchrotron_site       ALS 
# 
_reflns.B_iso_Wilson_estimate            ? 
_reflns.entry_id                         4U34 
_reflns.data_reduction_details           ? 
_reflns.data_reduction_method            ? 
_reflns.d_resolution_high                1.35 
_reflns.d_resolution_low                 30 
_reflns.details                          ? 
_reflns.limit_h_max                      ? 
_reflns.limit_h_min                      ? 
_reflns.limit_k_max                      ? 
_reflns.limit_k_min                      ? 
_reflns.limit_l_max                      ? 
_reflns.limit_l_min                      ? 
_reflns.number_all                       8436 
_reflns.number_obs                       8031 
_reflns.observed_criterion               ? 
_reflns.observed_criterion_F_max         ? 
_reflns.observed_criterion_F_min         ? 
_reflns.observed_criterion_I_max         ? 
_reflns.observed_criterion_I_min         ? 
_reflns.observed_criterion_sigma_F       ? 
_reflns.observed_criterion_sigma_I       ? 
_reflns.percent_possible_obs             93.5 
_reflns.R_free_details                   ? 
_reflns.Rmerge_F_all                     ? 
_reflns.Rmerge_F_obs                     ? 
_reflns.Friedel_coverage                 ? 
_reflns.number_gt                        ? 
_reflns.threshold_expression             ? 
_reflns.pdbx_redundancy                  6.7 
_reflns.pdbx_Rmerge_I_obs                0.065 
_reflns.pdbx_Rmerge_I_all                ? 
_reflns.pdbx_Rsym_value                  ? 
_reflns.pdbx_netI_over_av_sigmaI         ? 
_reflns.pdbx_netI_over_sigmaI            24.3 
_reflns.pdbx_res_netI_over_av_sigmaI_2   ? 
_reflns.pdbx_res_netI_over_sigmaI_2      ? 
_reflns.pdbx_chi_squared                 ? 
_reflns.pdbx_scaling_rejects             ? 
_reflns.pdbx_d_res_high_opt              ? 
_reflns.pdbx_d_res_low_opt               ? 
_reflns.pdbx_d_res_opt_method            ? 
_reflns.phase_calculation_details        ? 
_reflns.pdbx_Rrim_I_all                  ? 
_reflns.pdbx_Rpim_I_all                  ? 
_reflns.pdbx_d_opt                       ? 
_reflns.pdbx_number_measured_all         ? 
_reflns.pdbx_diffrn_id                   1 
_reflns.pdbx_ordinal                     1 
_reflns.pdbx_CC_half                     ? 
_reflns.pdbx_R_split                     ? 
# 
_reflns_shell.d_res_high                  1.35 
_reflns_shell.d_res_low                   1.40 
_reflns_shell.meanI_over_sigI_all         ? 
_reflns_shell.meanI_over_sigI_obs         11.1 
_reflns_shell.number_measured_all         ? 
_reflns_shell.number_measured_obs         ? 
_reflns_shell.number_possible             ? 
_reflns_shell.number_unique_all           ? 
_reflns_shell.number_unique_obs           ? 
_reflns_shell.percent_possible_all        66.6 
_reflns_shell.percent_possible_obs        ? 
_reflns_shell.Rmerge_F_all                ? 
_reflns_shell.Rmerge_F_obs                ? 
_reflns_shell.Rmerge_I_all                ? 
_reflns_shell.Rmerge_I_obs                0.129 
_reflns_shell.meanI_over_sigI_gt          ? 
_reflns_shell.meanI_over_uI_all           ? 
_reflns_shell.meanI_over_uI_gt            ? 
_reflns_shell.number_measured_gt          ? 
_reflns_shell.number_unique_gt            ? 
_reflns_shell.percent_possible_gt         ? 
_reflns_shell.Rmerge_F_gt                 ? 
_reflns_shell.Rmerge_I_gt                 ? 
_reflns_shell.pdbx_redundancy             4.0 
_reflns_shell.pdbx_Rsym_value             ? 
_reflns_shell.pdbx_chi_squared            ? 
_reflns_shell.pdbx_netI_over_sigmaI_all   ? 
_reflns_shell.pdbx_netI_over_sigmaI_obs   ? 
_reflns_shell.pdbx_Rrim_I_all             ? 
_reflns_shell.pdbx_Rpim_I_all             ? 
_reflns_shell.pdbx_rejects                ? 
_reflns_shell.pdbx_ordinal                1 
_reflns_shell.pdbx_diffrn_id              1 
_reflns_shell.pdbx_CC_half                ? 
_reflns_shell.pdbx_R_split                ? 
# 
_refine.aniso_B[1][1]                            -0.01 
_refine.aniso_B[1][2]                            0.00 
_refine.aniso_B[1][3]                            -0.02 
_refine.aniso_B[2][2]                            0.01 
_refine.aniso_B[2][3]                            0.00 
_refine.aniso_B[3][3]                            -0.02 
_refine.B_iso_max                                ? 
_refine.B_iso_mean                               11.115 
_refine.B_iso_min                                ? 
_refine.correlation_coeff_Fo_to_Fc               0.949 
_refine.correlation_coeff_Fo_to_Fc_free          0.951 
_refine.details                                  'HYDROGENS HAVE BEEN USED IF PRESENT IN THE INPUT' 
_refine.diff_density_max                         ? 
_refine.diff_density_max_esd                     ? 
_refine.diff_density_min                         ? 
_refine.diff_density_min_esd                     ? 
_refine.diff_density_rms                         ? 
_refine.diff_density_rms_esd                     ? 
_refine.entry_id                                 4U34 
_refine.pdbx_refine_id                           'X-RAY DIFFRACTION' 
_refine.ls_abs_structure_details                 ? 
_refine.ls_abs_structure_Flack                   ? 
_refine.ls_abs_structure_Flack_esd               ? 
_refine.ls_abs_structure_Rogers                  ? 
_refine.ls_abs_structure_Rogers_esd              ? 
_refine.ls_d_res_high                            1.35 
_refine.ls_d_res_low                             22.06 
_refine.ls_extinction_coef                       ? 
_refine.ls_extinction_coef_esd                   ? 
_refine.ls_extinction_expression                 ? 
_refine.ls_extinction_method                     ? 
_refine.ls_goodness_of_fit_all                   ? 
_refine.ls_goodness_of_fit_all_esd               ? 
_refine.ls_goodness_of_fit_obs                   ? 
_refine.ls_goodness_of_fit_obs_esd               ? 
_refine.ls_hydrogen_treatment                    ? 
_refine.ls_matrix_type                           ? 
_refine.ls_number_constraints                    ? 
_refine.ls_number_parameters                     ? 
_refine.ls_number_reflns_all                     ? 
_refine.ls_number_reflns_obs                     8031 
_refine.ls_number_reflns_R_free                  404 
_refine.ls_number_reflns_R_work                  ? 
_refine.ls_number_restraints                     ? 
_refine.ls_percent_reflns_obs                    93.35 
_refine.ls_percent_reflns_R_free                 4.8 
_refine.ls_R_factor_all                          ? 
_refine.ls_R_factor_obs                          0.18807 
_refine.ls_R_factor_R_free                       0.19788 
_refine.ls_R_factor_R_free_error                 ? 
_refine.ls_R_factor_R_free_error_details         ? 
_refine.ls_R_factor_R_work                       0.18756 
_refine.ls_R_Fsqd_factor_obs                     ? 
_refine.ls_R_I_factor_obs                        ? 
_refine.ls_redundancy_reflns_all                 ? 
_refine.ls_redundancy_reflns_obs                 ? 
_refine.ls_restrained_S_all                      ? 
_refine.ls_restrained_S_obs                      ? 
_refine.ls_shift_over_esd_max                    ? 
_refine.ls_shift_over_esd_mean                   ? 
_refine.ls_structure_factor_coef                 ? 
_refine.ls_weighting_details                     ? 
_refine.ls_weighting_scheme                      ? 
_refine.ls_wR_factor_all                         ? 
_refine.ls_wR_factor_obs                         ? 
_refine.ls_wR_factor_R_free                      ? 
_refine.ls_wR_factor_R_work                      ? 
_refine.occupancy_max                            ? 
_refine.occupancy_min                            ? 
_refine.solvent_model_details                    MASK 
_refine.solvent_model_param_bsol                 ? 
_refine.solvent_model_param_ksol                 ? 
_refine.ls_R_factor_gt                           ? 
_refine.ls_goodness_of_fit_gt                    ? 
_refine.ls_goodness_of_fit_ref                   ? 
_refine.ls_shift_over_su_max                     ? 
_refine.ls_shift_over_su_max_lt                  ? 
_refine.ls_shift_over_su_mean                    ? 
_refine.ls_shift_over_su_mean_lt                 ? 
_refine.pdbx_ls_sigma_I                          ? 
_refine.pdbx_ls_sigma_F                          ? 
_refine.pdbx_ls_sigma_Fsqd                       ? 
_refine.pdbx_data_cutoff_high_absF               ? 
_refine.pdbx_data_cutoff_high_rms_absF           ? 
_refine.pdbx_data_cutoff_low_absF                ? 
_refine.pdbx_isotropic_thermal_model             ? 
_refine.pdbx_ls_cross_valid_method               THROUGHOUT 
_refine.pdbx_method_to_determine_struct          'MOLECULAR REPLACEMENT' 
_refine.pdbx_starting_model                      434D 
_refine.pdbx_stereochemistry_target_values       'MAXIMUM LIKELIHOOD' 
_refine.pdbx_R_Free_selection_details            RANDOM 
_refine.pdbx_stereochem_target_val_spec_case     ? 
_refine.pdbx_overall_ESU_R                       0.064 
_refine.pdbx_overall_ESU_R_Free                  0.061 
_refine.pdbx_solvent_vdw_probe_radii             1.20 
_refine.pdbx_solvent_ion_probe_radii             0.80 
_refine.pdbx_solvent_shrinkage_radii             0.80 
_refine.pdbx_real_space_R                        ? 
_refine.pdbx_density_correlation                 ? 
_refine.pdbx_pd_number_of_powder_patterns        ? 
_refine.pdbx_pd_number_of_points                 ? 
_refine.pdbx_pd_meas_number_of_points            ? 
_refine.pdbx_pd_proc_ls_prof_R_factor            ? 
_refine.pdbx_pd_proc_ls_prof_wR_factor           ? 
_refine.pdbx_pd_Marquardt_correlation_coeff      ? 
_refine.pdbx_pd_Fsqrd_R_factor                   ? 
_refine.pdbx_pd_ls_matrix_band_width             ? 
_refine.pdbx_overall_phase_error                 ? 
_refine.pdbx_overall_SU_R_free_Cruickshank_DPI   ? 
_refine.pdbx_overall_SU_R_free_Blow_DPI          ? 
_refine.pdbx_overall_SU_R_Blow_DPI               ? 
_refine.pdbx_TLS_residual_ADP_flag               ? 
_refine.pdbx_diffrn_id                           1 
_refine.overall_SU_B                             1.725 
_refine.overall_SU_ML                            0.036 
_refine.overall_SU_R_Cruickshank_DPI             ? 
_refine.overall_SU_R_free                        ? 
_refine.overall_FOM_free_R_set                   ? 
_refine.overall_FOM_work_R_set                   ? 
# 
_refine_hist.pdbx_refine_id                   'X-RAY DIFFRACTION' 
_refine_hist.cycle_id                         1 
_refine_hist.pdbx_number_atoms_protein        0 
_refine_hist.pdbx_number_atoms_nucleic_acid   292 
_refine_hist.pdbx_number_atoms_ligand         0 
_refine_hist.number_atoms_solvent             97 
_refine_hist.number_atoms_total               389 
_refine_hist.d_res_high                       1.35 
_refine_hist.d_res_low                        22.06 
# 
loop_
_refine_ls_restr.pdbx_refine_id 
_refine_ls_restr.criterion 
_refine_ls_restr.dev_ideal 
_refine_ls_restr.dev_ideal_target 
_refine_ls_restr.number 
_refine_ls_restr.rejects 
_refine_ls_restr.type 
_refine_ls_restr.weight 
_refine_ls_restr.pdbx_restraint_function 
'X-RAY DIFFRACTION' ? 0.005 0.012 325 ? r_bond_refined_d             ? ? 
'X-RAY DIFFRACTION' ? ?     ?     ?   ? r_bond_other_d               ? ? 
'X-RAY DIFFRACTION' ? 1.412 1.538 503 ? r_angle_refined_deg          ? ? 
'X-RAY DIFFRACTION' ? ?     ?     ?   ? r_angle_other_deg            ? ? 
'X-RAY DIFFRACTION' ? ?     ?     ?   ? r_dihedral_angle_1_deg       ? ? 
'X-RAY DIFFRACTION' ? ?     ?     ?   ? r_dihedral_angle_2_deg       ? ? 
'X-RAY DIFFRACTION' ? ?     ?     ?   ? r_dihedral_angle_3_deg       ? ? 
'X-RAY DIFFRACTION' ? ?     ?     ?   ? r_dihedral_angle_4_deg       ? ? 
'X-RAY DIFFRACTION' ? 0.080 0.200 56  ? r_chiral_restr               ? ? 
'X-RAY DIFFRACTION' ? 0.010 0.020 144 ? r_gen_planes_refined         ? ? 
'X-RAY DIFFRACTION' ? ?     ?     ?   ? r_gen_planes_other           ? ? 
'X-RAY DIFFRACTION' ? ?     ?     ?   ? r_nbd_refined                ? ? 
'X-RAY DIFFRACTION' ? ?     ?     ?   ? r_nbd_other                  ? ? 
'X-RAY DIFFRACTION' ? ?     ?     ?   ? r_nbtor_refined              ? ? 
'X-RAY DIFFRACTION' ? ?     ?     ?   ? r_nbtor_other                ? ? 
'X-RAY DIFFRACTION' ? ?     ?     ?   ? r_xyhbond_nbd_refined        ? ? 
'X-RAY DIFFRACTION' ? ?     ?     ?   ? r_xyhbond_nbd_other          ? ? 
'X-RAY DIFFRACTION' ? ?     ?     ?   ? r_metal_ion_refined          ? ? 
'X-RAY DIFFRACTION' ? ?     ?     ?   ? r_metal_ion_other            ? ? 
'X-RAY DIFFRACTION' ? ?     ?     ?   ? r_symmetry_vdw_refined       ? ? 
'X-RAY DIFFRACTION' ? ?     ?     ?   ? r_symmetry_vdw_other         ? ? 
'X-RAY DIFFRACTION' ? ?     ?     ?   ? r_symmetry_hbond_refined     ? ? 
'X-RAY DIFFRACTION' ? ?     ?     ?   ? r_symmetry_hbond_other       ? ? 
'X-RAY DIFFRACTION' ? ?     ?     ?   ? r_symmetry_metal_ion_refined ? ? 
'X-RAY DIFFRACTION' ? ?     ?     ?   ? r_symmetry_metal_ion_other   ? ? 
'X-RAY DIFFRACTION' ? ?     ?     ?   ? r_mcbond_it                  ? ? 
'X-RAY DIFFRACTION' ? ?     ?     ?   ? r_mcbond_other               ? ? 
'X-RAY DIFFRACTION' ? ?     ?     ?   ? r_mcangle_it                 ? ? 
'X-RAY DIFFRACTION' ? ?     ?     ?   ? r_mcangle_other              ? ? 
'X-RAY DIFFRACTION' ? ?     ?     ?   ? r_scbond_it                  ? ? 
'X-RAY DIFFRACTION' ? ?     ?     ?   ? r_scbond_other               ? ? 
'X-RAY DIFFRACTION' ? ?     ?     ?   ? r_scangle_it                 ? ? 
'X-RAY DIFFRACTION' ? ?     ?     ?   ? r_scangle_other              ? ? 
'X-RAY DIFFRACTION' ? ?     ?     ?   ? r_long_range_B_refined       ? ? 
'X-RAY DIFFRACTION' ? ?     ?     ?   ? r_long_range_B_other         ? ? 
'X-RAY DIFFRACTION' ? ?     ?     ?   ? r_rigid_bond_restr           ? ? 
'X-RAY DIFFRACTION' ? ?     ?     ?   ? r_sphericity_free            ? ? 
'X-RAY DIFFRACTION' ? ?     ?     ?   ? r_sphericity_bonded          ? ? 
# 
_refine_ls_shell.pdbx_refine_id                   'X-RAY DIFFRACTION' 
_refine_ls_shell.d_res_high                       1.347 
_refine_ls_shell.d_res_low                        1.381 
_refine_ls_shell.number_reflns_all                ? 
_refine_ls_shell.number_reflns_obs                ? 
_refine_ls_shell.number_reflns_R_free             23 
_refine_ls_shell.number_reflns_R_work             373 
_refine_ls_shell.percent_reflns_obs               61.68 
_refine_ls_shell.percent_reflns_R_free            ? 
_refine_ls_shell.R_factor_all                     ? 
_refine_ls_shell.R_factor_obs                     ? 
_refine_ls_shell.R_factor_R_free                  0.262 
_refine_ls_shell.R_factor_R_free_error            ? 
_refine_ls_shell.R_factor_R_work                  0.259 
_refine_ls_shell.redundancy_reflns_all            ? 
_refine_ls_shell.redundancy_reflns_obs            ? 
_refine_ls_shell.wR_factor_all                    ? 
_refine_ls_shell.wR_factor_obs                    ? 
_refine_ls_shell.wR_factor_R_free                 ? 
_refine_ls_shell.wR_factor_R_work                 ? 
_refine_ls_shell.pdbx_total_number_of_bins_used   20 
_refine_ls_shell.pdbx_phase_error                 ? 
# 
_struct.entry_id                     4U34 
_struct.title                        'Crystal Structures of RNA Duplexes Containing 2-thio-Uridine' 
_struct.pdbx_model_details           ? 
_struct.pdbx_formula_weight          ? 
_struct.pdbx_formula_weight_method   ? 
_struct.pdbx_model_type_details      ? 
_struct.pdbx_CASP_flag               ? 
# 
_struct_keywords.entry_id        4U34 
_struct_keywords.text            'RNA, 2-thio-uridine' 
_struct_keywords.pdbx_keywords   RNA 
# 
loop_
_struct_asym.id 
_struct_asym.pdbx_blank_PDB_chainid_flag 
_struct_asym.pdbx_modified 
_struct_asym.entity_id 
_struct_asym.details 
A N N 1 ? 
B N N 2 ? 
C N N 3 ? 
D N N 3 ? 
# 
loop_
_struct_conn.id 
_struct_conn.conn_type_id 
_struct_conn.pdbx_leaving_atom_flag 
_struct_conn.pdbx_PDB_id 
_struct_conn.ptnr1_label_asym_id 
_struct_conn.ptnr1_label_comp_id 
_struct_conn.ptnr1_label_seq_id 
_struct_conn.ptnr1_label_atom_id 
_struct_conn.pdbx_ptnr1_label_alt_id 
_struct_conn.pdbx_ptnr1_PDB_ins_code 
_struct_conn.pdbx_ptnr1_standard_comp_id 
_struct_conn.ptnr1_symmetry 
_struct_conn.ptnr2_label_asym_id 
_struct_conn.ptnr2_label_comp_id 
_struct_conn.ptnr2_label_seq_id 
_struct_conn.ptnr2_label_atom_id 
_struct_conn.pdbx_ptnr2_label_alt_id 
_struct_conn.pdbx_ptnr2_PDB_ins_code 
_struct_conn.ptnr1_auth_asym_id 
_struct_conn.ptnr1_auth_comp_id 
_struct_conn.ptnr1_auth_seq_id 
_struct_conn.ptnr2_auth_asym_id 
_struct_conn.ptnr2_auth_comp_id 
_struct_conn.ptnr2_auth_seq_id 
_struct_conn.ptnr2_symmetry 
_struct_conn.pdbx_ptnr3_label_atom_id 
_struct_conn.pdbx_ptnr3_label_seq_id 
_struct_conn.pdbx_ptnr3_label_comp_id 
_struct_conn.pdbx_ptnr3_label_asym_id 
_struct_conn.pdbx_ptnr3_label_alt_id 
_struct_conn.pdbx_ptnr3_PDB_ins_code 
_struct_conn.details 
_struct_conn.pdbx_dist_value 
_struct_conn.pdbx_value_order 
_struct_conn.pdbx_role 
covale1  covale both ? A C   4 "O3'" ? ? ? 1_555 A SUR 5 P  ? ? A C   4 A SUR 5  1_555 ? ? ? ? ? ? ?            1.596 ? ? 
covale2  covale both ? A SUR 5 "O3'" ? ? ? 1_555 A C   6 P  ? ? A SUR 5 A C   6  1_555 ? ? ? ? ? ? ?            1.591 ? ? 
hydrog1  hydrog ?    ? A U   1 N3    ? ? ? 1_555 B A   7 N1 ? ? A U   1 B A   14 1_555 ? ? ? ? ? ? WATSON-CRICK ?     ? ? 
hydrog2  hydrog ?    ? A U   1 O4    ? ? ? 1_555 B A   7 N6 ? ? A U   1 B A   14 1_555 ? ? ? ? ? ? WATSON-CRICK ?     ? ? 
hydrog3  hydrog ?    ? A A   2 N1    ? ? ? 1_555 B U   6 N3 ? ? A A   2 B U   13 1_555 ? ? ? ? ? ? WATSON-CRICK ?     ? ? 
hydrog4  hydrog ?    ? A A   2 N6    ? ? ? 1_555 B U   6 O4 ? ? A A   2 B U   13 1_555 ? ? ? ? ? ? WATSON-CRICK ?     ? ? 
hydrog5  hydrog ?    ? A G   3 N1    ? ? ? 1_555 B C   5 N3 ? ? A G   3 B C   12 1_555 ? ? ? ? ? ? WATSON-CRICK ?     ? ? 
hydrog6  hydrog ?    ? A G   3 N2    ? ? ? 1_555 B C   5 O2 ? ? A G   3 B C   12 1_555 ? ? ? ? ? ? WATSON-CRICK ?     ? ? 
hydrog7  hydrog ?    ? A G   3 O6    ? ? ? 1_555 B C   5 N4 ? ? A G   3 B C   12 1_555 ? ? ? ? ? ? WATSON-CRICK ?     ? ? 
hydrog8  hydrog ?    ? A C   4 N3    ? ? ? 1_555 B G   4 N1 ? ? A C   4 B G   11 1_555 ? ? ? ? ? ? WATSON-CRICK ?     ? ? 
hydrog9  hydrog ?    ? A C   4 N4    ? ? ? 1_555 B G   4 O6 ? ? A C   4 B G   11 1_555 ? ? ? ? ? ? WATSON-CRICK ?     ? ? 
hydrog10 hydrog ?    ? A C   4 O2    ? ? ? 1_555 B G   4 N2 ? ? A C   4 B G   11 1_555 ? ? ? ? ? ? WATSON-CRICK ?     ? ? 
hydrog11 hydrog ?    ? A SUR 5 N3    ? ? ? 1_555 B A   3 N1 ? ? A SUR 5 B A   10 1_555 ? ? ? ? ? ? WATSON-CRICK ?     ? ? 
hydrog12 hydrog ?    ? A SUR 5 O4    ? ? ? 1_555 B A   3 N6 ? ? A SUR 5 B A   10 1_555 ? ? ? ? ? ? WATSON-CRICK ?     ? ? 
hydrog13 hydrog ?    ? A C   6 N3    ? ? ? 1_555 B G   2 N1 ? ? A C   6 B G   9  1_555 ? ? ? ? ? ? WATSON-CRICK ?     ? ? 
hydrog14 hydrog ?    ? A C   6 N4    ? ? ? 1_555 B G   2 O6 ? ? A C   6 B G   9  1_555 ? ? ? ? ? ? WATSON-CRICK ?     ? ? 
hydrog15 hydrog ?    ? A C   6 O2    ? ? ? 1_555 B G   2 N2 ? ? A C   6 B G   9  1_555 ? ? ? ? ? ? WATSON-CRICK ?     ? ? 
hydrog16 hydrog ?    ? A C   7 N3    ? ? ? 1_555 B G   1 N1 ? ? A C   7 B G   8  1_555 ? ? ? ? ? ? WATSON-CRICK ?     ? ? 
hydrog17 hydrog ?    ? A C   7 N4    ? ? ? 1_555 B G   1 O6 ? ? A C   7 B G   8  1_555 ? ? ? ? ? ? WATSON-CRICK ?     ? ? 
hydrog18 hydrog ?    ? A C   7 O2    ? ? ? 1_555 B G   1 N2 ? ? A C   7 B G   8  1_555 ? ? ? ? ? ? WATSON-CRICK ?     ? ? 
# 
loop_
_struct_conn_type.id 
_struct_conn_type.criteria 
_struct_conn_type.reference 
covale ? ? 
hydrog ? ? 
# 
_atom_sites.entry_id                    4U34 
_atom_sites.fract_transf_matrix[1][1]   -0.01690423 
_atom_sites.fract_transf_matrix[1][2]   -0.01968522 
_atom_sites.fract_transf_matrix[1][3]   -0.01134792 
_atom_sites.fract_transf_matrix[2][1]   0.01913664 
_atom_sites.fract_transf_matrix[2][2]   -0.01731284 
_atom_sites.fract_transf_matrix[2][3]   0.00152599 
_atom_sites.fract_transf_matrix[3][1]   -0.01719076 
_atom_sites.fract_transf_matrix[3][2]   -0.01673025 
_atom_sites.fract_transf_matrix[3][3]   0.02577032 
_atom_sites.fract_transf_vector[1]      -0.182265 
_atom_sites.fract_transf_vector[2]      -0.014363 
_atom_sites.fract_transf_vector[3]      -0.370364 
# 
loop_
_atom_type.symbol 
C 
N 
O 
P 
S 
# 
loop_
_atom_site.group_PDB 
_atom_site.id 
_atom_site.type_symbol 
_atom_site.label_atom_id 
_atom_site.label_alt_id 
_atom_site.label_comp_id 
_atom_site.label_asym_id 
_atom_site.label_entity_id 
_atom_site.label_seq_id 
_atom_site.pdbx_PDB_ins_code 
_atom_site.Cartn_x 
_atom_site.Cartn_y 
_atom_site.Cartn_z 
_atom_site.occupancy 
_atom_site.B_iso_or_equiv 
_atom_site.pdbx_formal_charge 
_atom_site.auth_seq_id 
_atom_site.auth_comp_id 
_atom_site.auth_asym_id 
_atom_site.auth_atom_id 
_atom_site.pdbx_PDB_model_num 
ATOM   1   O "O5'" . U   A 1 1 ? 2.041   6.945   10.086  1.00 16.67 ? 1   U   A "O5'" 1 
ATOM   2   C "C5'" . U   A 1 1 ? 1.303   7.924   10.838  1.00 15.89 ? 1   U   A "C5'" 1 
ATOM   3   C "C4'" . U   A 1 1 ? 0.608   8.879   9.898   1.00 15.11 ? 1   U   A "C4'" 1 
ATOM   4   O "O4'" . U   A 1 1 ? 1.598   9.628   9.142   1.00 14.63 ? 1   U   A "O4'" 1 
ATOM   5   C "C3'" . U   A 1 1 ? -0.271  8.249   8.827   1.00 14.83 ? 1   U   A "C3'" 1 
ATOM   6   O "O3'" . U   A 1 1 ? -1.558  7.925   9.346   1.00 15.11 ? 1   U   A "O3'" 1 
ATOM   7   C "C2'" . U   A 1 1 ? -0.327  9.372   7.800   1.00 14.15 ? 1   U   A "C2'" 1 
ATOM   8   O "O2'" . U   A 1 1 ? -1.182  10.412  8.232   1.00 13.78 ? 1   U   A "O2'" 1 
ATOM   9   C "C1'" . U   A 1 1 ? 1.119   9.870   7.827   1.00 14.38 ? 1   U   A "C1'" 1 
ATOM   10  N N1    . U   A 1 1 ? 2.021   9.195   6.874   1.00 14.28 ? 1   U   A N1    1 
ATOM   11  C C2    . U   A 1 1 ? 1.927   9.532   5.534   1.00 14.13 ? 1   U   A C2    1 
ATOM   12  O O2    . U   A 1 1 ? 1.123   10.343  5.106   1.00 13.99 ? 1   U   A O2    1 
ATOM   13  N N3    . U   A 1 1 ? 2.807   8.875   4.712   1.00 14.29 ? 1   U   A N3    1 
ATOM   14  C C4    . U   A 1 1 ? 3.747   7.931   5.073   1.00 15.16 ? 1   U   A C4    1 
ATOM   15  O O4    . U   A 1 1 ? 4.469   7.429   4.207   1.00 15.89 ? 1   U   A O4    1 
ATOM   16  C C5    . U   A 1 1 ? 3.786   7.640   6.474   1.00 15.16 ? 1   U   A C5    1 
ATOM   17  C C6    . U   A 1 1 ? 2.944   8.266   7.306   1.00 14.81 ? 1   U   A C6    1 
ATOM   18  P P     . A   A 1 2 ? -2.407  6.694   8.775   1.00 16.24 ? 2   A   A P     1 
ATOM   19  O OP1   . A   A 1 2 ? -3.582  6.518   9.667   1.00 16.70 ? 2   A   A OP1   1 
ATOM   20  O OP2   . A   A 1 2 ? -1.496  5.566   8.531   1.00 15.30 ? 2   A   A OP2   1 
ATOM   21  O "O5'" . A   A 1 2 ? -2.909  7.191   7.359   1.00 14.97 ? 2   A   A "O5'" 1 
ATOM   22  C "C5'" . A   A 1 2 ? -3.796  8.308   7.253   1.00 14.82 ? 2   A   A "C5'" 1 
ATOM   23  C "C4'" . A   A 1 2 ? -3.837  8.731   5.818   1.00 14.14 ? 2   A   A "C4'" 1 
ATOM   24  O "O4'" . A   A 1 2 ? -2.495  9.092   5.385   1.00 13.80 ? 2   A   A "O4'" 1 
ATOM   25  C "C3'" . A   A 1 2 ? -4.210  7.614   4.852   1.00 13.45 ? 2   A   A "C3'" 1 
ATOM   26  O "O3'" . A   A 1 2 ? -5.607  7.363   4.868   1.00 13.37 ? 2   A   A "O3'" 1 
ATOM   27  C "C2'" . A   A 1 2 ? -3.666  8.164   3.543   1.00 13.26 ? 2   A   A "C2'" 1 
ATOM   28  O "O2'" . A   A 1 2 ? -4.489  9.198   3.057   1.00 13.58 ? 2   A   A "O2'" 1 
ATOM   29  C "C1'" . A   A 1 2 ? -2.341  8.769   4.007   1.00 13.29 ? 2   A   A "C1'" 1 
ATOM   30  N N9    . A   A 1 2 ? -1.194  7.870   3.851   1.00 12.80 ? 2   A   A N9    1 
ATOM   31  C C8    . A   A 1 2 ? -0.555  7.089   4.779   1.00 13.15 ? 2   A   A C8    1 
ATOM   32  N N7    . A   A 1 2 ? 0.453   6.404   4.291   1.00 13.15 ? 2   A   A N7    1 
ATOM   33  C C5    . A   A 1 2 ? 0.469   6.749   2.947   1.00 12.55 ? 2   A   A C5    1 
ATOM   34  C C6    . A   A 1 2 ? 1.301   6.360   1.873   1.00 12.43 ? 2   A   A C6    1 
ATOM   35  N N6    . A   A 1 2 ? 2.322   5.510   1.993   1.00 12.82 ? 2   A   A N6    1 
ATOM   36  N N1    . A   A 1 2 ? 1.041   6.887   0.657   1.00 12.18 ? 2   A   A N1    1 
ATOM   37  C C2    . A   A 1 2 ? 0.025   7.750   0.535   1.00 11.95 ? 2   A   A C2    1 
ATOM   38  N N3    . A   A 1 2 ? -0.820  8.195   1.465   1.00 12.06 ? 2   A   A N3    1 
ATOM   39  C C4    . A   A 1 2 ? -0.541  7.648   2.661   1.00 12.60 ? 2   A   A C4    1 
ATOM   40  P P     . G   A 1 3 ? -6.169  5.953   4.408   1.00 12.86 ? 3   G   A P     1 
ATOM   41  O OP1   . G   A 1 3 ? -7.556  5.879   4.959   1.00 13.54 ? 3   G   A OP1   1 
ATOM   42  O OP2   . G   A 1 3 ? -5.219  4.853   4.713   1.00 13.35 ? 3   G   A OP2   1 
ATOM   43  O "O5'" . G   A 1 3 ? -6.234  6.088   2.821   1.00 11.29 ? 3   G   A "O5'" 1 
ATOM   44  C "C5'" . G   A 1 3 ? -7.075  7.064   2.177   1.00 10.37 ? 3   G   A "C5'" 1 
ATOM   45  C "C4'" . G   A 1 3 ? -6.760  7.111   0.703   1.00 9.48  ? 3   G   A "C4'" 1 
ATOM   46  O "O4'" . G   A 1 3 ? -5.396  7.583   0.518   1.00 8.84  ? 3   G   A "O4'" 1 
ATOM   47  C "C3'" . G   A 1 3 ? -6.776  5.769   -0.013  1.00 9.17  ? 3   G   A "C3'" 1 
ATOM   48  O "O3'" . G   A 1 3 ? -8.084  5.359   -0.371  1.00 9.59  ? 3   G   A "O3'" 1 
ATOM   49  C "C2'" . G   A 1 3 ? -5.903  6.072   -1.219  1.00 8.84  ? 3   G   A "C2'" 1 
ATOM   50  O "O2'" . G   A 1 3 ? -6.634  6.905   -2.097  1.00 8.77  ? 3   G   A "O2'" 1 
ATOM   51  C "C1'" . G   A 1 3 ? -4.789  6.880   -0.562  1.00 8.76  ? 3   G   A "C1'" 1 
ATOM   52  N N9    . G   A 1 3 ? -3.707  6.054   -0.029  1.00 8.50  ? 3   G   A N9    1 
ATOM   53  C C8    . G   A 1 3 ? -3.527  5.685   1.283   1.00 8.58  ? 3   G   A C8    1 
ATOM   54  N N7    . G   A 1 3 ? -2.455  4.961   1.470   1.00 8.53  ? 3   G   A N7    1 
ATOM   55  C C5    . G   A 1 3 ? -1.895  4.842   0.206   1.00 8.44  ? 3   G   A C5    1 
ATOM   56  C C6    . G   A 1 3 ? -0.721  4.164   -0.219  1.00 8.49  ? 3   G   A C6    1 
ATOM   57  O O6    . G   A 1 3 ? 0.092   3.530   0.463   1.00 8.68  ? 3   G   A O6    1 
ATOM   58  N N1    . G   A 1 3 ? -0.528  4.287   -1.590  1.00 8.48  ? 3   G   A N1    1 
ATOM   59  C C2    . G   A 1 3 ? -1.347  4.981   -2.445  1.00 8.49  ? 3   G   A C2    1 
ATOM   60  N N2    . G   A 1 3 ? -1.004  4.958   -3.742  1.00 8.84  ? 3   G   A N2    1 
ATOM   61  N N3    . G   A 1 3 ? -2.445  5.619   -2.063  1.00 8.52  ? 3   G   A N3    1 
ATOM   62  C C4    . G   A 1 3 ? -2.647  5.522   -0.730  1.00 8.45  ? 3   G   A C4    1 
ATOM   63  P P     . C   A 1 4 ? -8.451  3.798   -0.370  1.00 9.92  ? 4   C   A P     1 
ATOM   64  O OP1   . C   A 1 4 ? -9.894  3.706   -0.708  1.00 10.99 ? 4   C   A OP1   1 
ATOM   65  O OP2   . C   A 1 4 ? -7.955  3.169   0.871   1.00 10.33 ? 4   C   A OP2   1 
ATOM   66  O "O5'" . C   A 1 4 ? -7.612  3.168   -1.567  1.00 9.59  ? 4   C   A "O5'" 1 
ATOM   67  C "C5'" . C   A 1 4 ? -7.850  3.587   -2.919  1.00 9.76  ? 4   C   A "C5'" 1 
ATOM   68  C "C4'" . C   A 1 4 ? -6.717  3.147   -3.807  1.00 9.54  ? 4   C   A "C4'" 1 
ATOM   69  O "O4'" . C   A 1 4 ? -5.460  3.664   -3.291  1.00 9.31  ? 4   C   A "O4'" 1 
ATOM   70  C "C3'" . C   A 1 4 ? -6.481  1.648   -3.898  1.00 9.52  ? 4   C   A "C3'" 1 
ATOM   71  O "O3'" . C   A 1 4 ? -7.408  1.046   -4.792  1.00 9.66  ? 4   C   A "O3'" 1 
ATOM   72  C "C2'" . C   A 1 4 ? -5.048  1.611   -4.407  1.00 9.50  ? 4   C   A "C2'" 1 
ATOM   73  O "O2'" . C   A 1 4 ? -5.003  1.946   -5.778  1.00 9.84  ? 4   C   A "O2'" 1 
ATOM   74  C "C1'" . C   A 1 4 ? -4.420  2.739   -3.589  1.00 9.33  ? 4   C   A "C1'" 1 
ATOM   75  N N1    . C   A 1 4 ? -3.803  2.284   -2.328  1.00 9.30  ? 4   C   A N1    1 
ATOM   76  C C2    . C   A 1 4 ? -2.549  1.671   -2.393  1.00 9.43  ? 4   C   A C2    1 
ATOM   77  O O2    . C   A 1 4 ? -2.005  1.537   -3.499  1.00 9.86  ? 4   C   A O2    1 
ATOM   78  N N3    . C   A 1 4 ? -1.949  1.272   -1.251  1.00 9.44  ? 4   C   A N3    1 
ATOM   79  C C4    . C   A 1 4 ? -2.571  1.428   -0.081  1.00 9.49  ? 4   C   A C4    1 
ATOM   80  N N4    . C   A 1 4 ? -1.943  1.010   1.021   1.00 9.81  ? 4   C   A N4    1 
ATOM   81  C C5    . C   A 1 4 ? -3.860  2.025   0.013   1.00 9.31  ? 4   C   A C5    1 
ATOM   82  C C6    . C   A 1 4 ? -4.432  2.442   -1.124  1.00 9.29  ? 4   C   A C6    1 
HETATM 83  P P     . SUR A 1 5 ? -7.741  -0.513  -4.722  1.00 9.87  ? 5   SUR A P     1 
HETATM 84  O OP1   . SUR A 1 5 ? -7.840  -0.954  -3.304  1.00 10.35 ? 5   SUR A OP1   1 
HETATM 85  O OP2   . SUR A 1 5 ? -8.872  -0.761  -5.668  1.00 10.67 ? 5   SUR A OP2   1 
HETATM 86  O "O5'" . SUR A 1 5 ? -6.417  -1.217  -5.297  1.00 9.36  ? 5   SUR A "O5'" 1 
HETATM 87  C "C5'" . SUR A 1 5 ? -6.136  -1.245  -6.690  1.00 9.10  ? 5   SUR A "C5'" 1 
HETATM 88  C "C4'" . SUR A 1 5 ? -4.866  -2.068  -6.866  1.00 8.68  ? 5   SUR A "C4'" 1 
HETATM 89  O "O4'" . SUR A 1 5 ? -3.759  -1.447  -6.215  1.00 8.56  ? 5   SUR A "O4'" 1 
HETATM 90  C "C3'" . SUR A 1 5 ? -4.917  -3.459  -6.268  1.00 8.65  ? 5   SUR A "C3'" 1 
HETATM 91  C "C1'" . SUR A 1 5 ? -2.872  -2.479  -5.750  1.00 8.72  ? 5   SUR A "C1'" 1 
HETATM 92  N N1    . SUR A 1 5 ? -2.742  -2.392  -4.292  1.00 8.85  ? 5   SUR A N1    1 
HETATM 93  C "C2'" . SUR A 1 5 ? -3.444  -3.798  -6.205  1.00 8.72  ? 5   SUR A "C2'" 1 
HETATM 94  C C6    . SUR A 1 5 ? -3.652  -1.716  -3.553  1.00 8.92  ? 5   SUR A C6    1 
HETATM 95  C C2    . SUR A 1 5 ? -1.619  -3.006  -3.677  1.00 9.12  ? 5   SUR A C2    1 
HETATM 96  C C5    . SUR A 1 5 ? -3.507  -1.609  -2.184  1.00 9.14  ? 5   SUR A C5    1 
HETATM 97  S S2    . SUR A 1 5 ? -0.536  -3.846  -4.538  1.00 10.21 ? 5   SUR A S2    1 
HETATM 98  N N3    . SUR A 1 5 ? -1.505  -2.885  -2.339  1.00 9.25  ? 5   SUR A N3    1 
HETATM 99  C C4    . SUR A 1 5 ? -2.396  -2.205  -1.584  1.00 9.18  ? 5   SUR A C4    1 
HETATM 100 O O4    . SUR A 1 5 ? -2.209  -2.115  -0.348  1.00 9.94  ? 5   SUR A O4    1 
HETATM 101 O "O2'" . SUR A 1 5 ? -2.914  -4.084  -7.505  1.00 8.92  ? 5   SUR A "O2'" 1 
HETATM 102 O "O3'" . SUR A 1 5 ? -5.645  -4.327  -7.106  1.00 8.63  ? 5   SUR A "O3'" 1 
ATOM   103 P P     . C   A 1 6 ? -6.421  -5.576  -6.497  1.00 8.67  ? 6   C   A P     1 
ATOM   104 O OP1   . C   A 1 6 ? -7.210  -6.104  -7.620  1.00 9.10  ? 6   C   A OP1   1 
ATOM   105 O OP2   . C   A 1 6 ? -7.106  -5.160  -5.248  1.00 9.01  ? 6   C   A OP2   1 
ATOM   106 O "O5'" . C   A 1 6 ? -5.280  -6.601  -6.062  1.00 8.77  ? 6   C   A "O5'" 1 
ATOM   107 C "C5'" . C   A 1 6 ? -4.437  -7.227  -7.049  1.00 9.03  ? 6   C   A "C5'" 1 
ATOM   108 C "C4'" . C   A 1 6 ? -3.222  -7.822  -6.376  1.00 9.18  ? 6   C   A "C4'" 1 
ATOM   109 O "O4'" . C   A 1 6 ? -2.532  -6.793  -5.616  1.00 9.03  ? 6   C   A "O4'" 1 
ATOM   110 C "C3'" . C   A 1 6 ? -3.470  -8.913  -5.346  1.00 9.54  ? 6   C   A "C3'" 1 
ATOM   111 O "O3'" . C   A 1 6 ? -3.807  -10.159 -5.940  1.00 10.18 ? 6   C   A "O3'" 1 
ATOM   112 C "C2'" . C   A 1 6 ? -2.162  -8.885  -4.566  1.00 9.60  ? 6   C   A "C2'" 1 
ATOM   113 O "O2'" . C   A 1 6 ? -1.100  -9.500  -5.265  1.00 9.99  ? 6   C   A "O2'" 1 
ATOM   114 C "C1'" . C   A 1 6 ? -1.903  -7.381  -4.487  1.00 9.29  ? 6   C   A "C1'" 1 
ATOM   115 N N1    . C   A 1 6 ? -2.420  -6.746  -3.261  1.00 9.12  ? 6   C   A N1    1 
ATOM   116 C C2    . C   A 1 6 ? -1.665  -6.865  -2.092  1.00 9.37  ? 6   C   A C2    1 
ATOM   117 O O2    . C   A 1 6 ? -0.617  -7.524  -2.123  1.00 9.95  ? 6   C   A O2    1 
ATOM   118 N N3    . C   A 1 6 ? -2.099  -6.271  -0.958  1.00 9.33  ? 6   C   A N3    1 
ATOM   119 C C4    . C   A 1 6 ? -3.243  -5.583  -0.961  1.00 9.17  ? 6   C   A C4    1 
ATOM   120 N N4    . C   A 1 6 ? -3.627  -5.012  0.182   1.00 9.24  ? 6   C   A N4    1 
ATOM   121 C C5    . C   A 1 6 ? -4.039  -5.449  -2.138  1.00 9.16  ? 6   C   A C5    1 
ATOM   122 C C6    . C   A 1 6 ? -3.594  -6.042  -3.256  1.00 9.04  ? 6   C   A C6    1 
ATOM   123 P P     . C   A 1 7 ? -4.614  -11.267 -5.101  1.00 10.63 ? 7   C   A P     1 
ATOM   124 O OP1   . C   A 1 7 ? -4.858  -12.387 -6.031  1.00 11.31 ? 7   C   A OP1   1 
ATOM   125 O OP2   . C   A 1 7 ? -5.770  -10.646 -4.418  1.00 10.85 ? 7   C   A OP2   1 
ATOM   126 O "O5'" . C   A 1 7 ? -3.605  -11.722 -3.949  1.00 10.87 ? 7   C   A "O5'" 1 
ATOM   127 C "C5'" . C   A 1 7 ? -2.383  -12.403 -4.276  1.00 11.35 ? 7   C   A "C5'" 1 
ATOM   128 C "C4'" . C   A 1 7 ? -1.602  -12.706 -3.015  1.00 11.68 ? 7   C   A "C4'" 1 
ATOM   129 O "O4'" . C   A 1 7 ? -1.146  -11.473 -2.391  1.00 11.52 ? 7   C   A "O4'" 1 
ATOM   130 C "C3'" . C   A 1 7 ? -2.353  -13.419 -1.901  1.00 12.12 ? 7   C   A "C3'" 1 
ATOM   131 O "O3'" . C   A 1 7 ? -2.491  -14.811 -2.151  1.00 12.44 ? 7   C   A "O3'" 1 
ATOM   132 C "C2'" . C   A 1 7 ? -1.478  -13.102 -0.695  1.00 12.29 ? 7   C   A "C2'" 1 
ATOM   133 O "O2'" . C   A 1 7 ? -0.307  -13.896 -0.700  1.00 12.70 ? 7   C   A "O2'" 1 
ATOM   134 C "C1'" . C   A 1 7 ? -1.110  -11.643 -0.977  1.00 12.17 ? 7   C   A "C1'" 1 
ATOM   135 N N1    . C   A 1 7 ? -2.008  -10.646 -0.350  1.00 11.95 ? 7   C   A N1    1 
ATOM   136 C C2    . C   A 1 7 ? -1.792  -10.298 0.990   1.00 12.31 ? 7   C   A C2    1 
ATOM   137 O O2    . C   A 1 7 ? -0.880  -10.854 1.615   1.00 12.83 ? 7   C   A O2    1 
ATOM   138 N N3    . C   A 1 7 ? -2.587  -9.371  1.572   1.00 12.64 ? 7   C   A N3    1 
ATOM   139 C C4    . C   A 1 7 ? -3.570  -8.802  0.872   1.00 12.46 ? 7   C   A C4    1 
ATOM   140 N N4    . C   A 1 7 ? -4.333  -7.897  1.495   1.00 12.81 ? 7   C   A N4    1 
ATOM   141 C C5    . C   A 1 7 ? -3.818  -9.140  -0.491  1.00 12.06 ? 7   C   A C5    1 
ATOM   142 C C6    . C   A 1 7 ? -3.018  -10.055 -1.059  1.00 11.93 ? 7   C   A C6    1 
ATOM   143 O "O5'" . G   B 2 1 ? -1.939  -5.393  10.933  1.00 15.16 ? 8   G   B "O5'" 1 
ATOM   144 C "C5'" . G   B 2 1 ? -1.097  -6.139  11.830  1.00 14.55 ? 8   G   B "C5'" 1 
ATOM   145 C "C4'" . G   B 2 1 ? -0.388  -7.253  11.093  1.00 13.76 ? 8   G   B "C4'" 1 
ATOM   146 O "O4'" . G   B 2 1 ? -1.357  -8.188  10.543  1.00 13.58 ? 8   G   B "O4'" 1 
ATOM   147 C "C3'" . G   B 2 1 ? 0.459   -6.852  9.895   1.00 13.10 ? 8   G   B "C3'" 1 
ATOM   148 O "O3'" . G   B 2 1 ? 1.738   -6.378  10.291  1.00 13.09 ? 8   G   B "O3'" 1 
ATOM   149 C "C2'" . G   B 2 1 ? 0.539   -8.169  9.141   1.00 12.70 ? 8   G   B "C2'" 1 
ATOM   150 O "O2'" . G   B 2 1 ? 1.403   -9.102  9.756   1.00 12.83 ? 8   G   B "O2'" 1 
ATOM   151 C "C1'" . G   B 2 1 ? -0.900  -8.662  9.286   1.00 13.14 ? 8   G   B "C1'" 1 
ATOM   152 N N9    . G   B 2 1 ? -1.785  -8.146  8.247   1.00 13.06 ? 8   G   B N9    1 
ATOM   153 C C8    . G   B 2 1 ? -2.774  -7.200  8.378   1.00 13.38 ? 8   G   B C8    1 
ATOM   154 N N7    . G   B 2 1 ? -3.395  -6.950  7.258   1.00 13.58 ? 8   G   B N7    1 
ATOM   155 C C5    . G   B 2 1 ? -2.773  -7.773  6.328   1.00 13.28 ? 8   G   B C5    1 
ATOM   156 C C6    . G   B 2 1 ? -3.018  -7.947  4.939   1.00 13.75 ? 8   G   B C6    1 
ATOM   157 O O6    . G   B 2 1 ? -3.859  -7.382  4.226   1.00 14.68 ? 8   G   B O6    1 
ATOM   158 N N1    . G   B 2 1 ? -2.158  -8.888  4.381   1.00 13.43 ? 8   G   B N1    1 
ATOM   159 C C2    . G   B 2 1 ? -1.192  -9.582  5.070   1.00 13.28 ? 8   G   B C2    1 
ATOM   160 N N2    . G   B 2 1 ? -0.462  -10.446 4.352   1.00 13.23 ? 8   G   B N2    1 
ATOM   161 N N3    . G   B 2 1 ? -0.960  -9.436  6.365   1.00 12.81 ? 8   G   B N3    1 
ATOM   162 C C4    . G   B 2 1 ? -1.779  -8.520  6.925   1.00 13.01 ? 8   G   B C4    1 
ATOM   163 P P     . G   B 2 2 ? 2.508   -5.309  9.395   1.00 12.85 ? 9   G   B P     1 
ATOM   164 O OP1   . G   B 2 2 ? 3.723   -4.913  10.152  1.00 14.11 ? 9   G   B OP1   1 
ATOM   165 O OP2   . G   B 2 2 ? 1.571   -4.278  8.948   1.00 13.41 ? 9   G   B OP2   1 
ATOM   166 O "O5'" . G   B 2 2 ? 2.974   -6.135  8.113   1.00 12.28 ? 9   G   B "O5'" 1 
ATOM   167 C "C5'" . G   B 2 2 ? 3.886   -7.233  8.238   1.00 11.67 ? 9   G   B "C5'" 1 
ATOM   168 C "C4'" . G   B 2 2 ? 3.985   -7.955  6.919   1.00 11.18 ? 9   G   B "C4'" 1 
ATOM   169 O "O4'" . G   B 2 2 ? 2.667   -8.414  6.511   1.00 10.91 ? 9   G   B "O4'" 1 
ATOM   170 C "C3'" . G   B 2 2 ? 4.448   -7.106  5.748   1.00 11.03 ? 9   G   B "C3'" 1 
ATOM   171 O "O3'" . G   B 2 2 ? 5.858   -6.978  5.774   1.00 11.45 ? 9   G   B "O3'" 1 
ATOM   172 C "C2'" . G   B 2 2 ? 3.932   -7.913  4.569   1.00 10.76 ? 9   G   B "C2'" 1 
ATOM   173 O "O2'" . G   B 2 2 ? 4.736   -9.053  4.318   1.00 10.91 ? 9   G   B "O2'" 1 
ATOM   174 C "C1'" . G   B 2 2 ? 2.560   -8.336  5.095   1.00 10.73 ? 9   G   B "C1'" 1 
ATOM   175 N N9    . G   B 2 2 ? 1.479   -7.414  4.748   1.00 10.31 ? 9   G   B N9    1 
ATOM   176 C C8    . G   B 2 2 ? 0.848   -6.510  5.569   1.00 10.37 ? 9   G   B C8    1 
ATOM   177 N N7    . G   B 2 2 ? -0.091  -5.835  4.962   1.00 10.42 ? 9   G   B N7    1 
ATOM   178 C C5    . G   B 2 2 ? -0.102  -6.347  3.671   1.00 10.21 ? 9   G   B C5    1 
ATOM   179 C C6    . G   B 2 2 ? -0.912  -6.008  2.552   1.00 10.18 ? 9   G   B C6    1 
ATOM   180 O O6    . G   B 2 2 ? -1.832  -5.185  2.487   1.00 10.72 ? 9   G   B O6    1 
ATOM   181 N N1    . G   B 2 2 ? -0.577  -6.764  1.433   1.00 10.05 ? 9   G   B N1    1 
ATOM   182 C C2    . G   B 2 2 ? 0.415   -7.712  1.387   1.00 10.05 ? 9   G   B C2    1 
ATOM   183 N N2    . G   B 2 2 ? 0.603   -8.321  0.205   1.00 10.21 ? 9   G   B N2    1 
ATOM   184 N N3    . G   B 2 2 ? 1.178   -8.033  2.420   1.00 10.14 ? 9   G   B N3    1 
ATOM   185 C C4    . G   B 2 2 ? 0.866   -7.316  3.520   1.00 10.20 ? 9   G   B C4    1 
ATOM   186 P P     . A   B 2 3 ? 6.532   -5.663  5.211   1.00 11.72 ? 10  A   B P     1 
ATOM   187 O OP1   . A   B 2 3 ? 7.961   -5.727  5.628   1.00 12.38 ? 10  A   B OP1   1 
ATOM   188 O OP2   . A   B 2 3 ? 5.732   -4.457  5.497   1.00 12.31 ? 10  A   B OP2   1 
ATOM   189 O "O5'" . A   B 2 3 ? 6.444   -5.846  3.632   1.00 10.78 ? 10  A   B "O5'" 1 
ATOM   190 C "C5'" . A   B 2 3 ? 7.250   -6.825  2.953   1.00 10.25 ? 10  A   B "C5'" 1 
ATOM   191 C "C4'" . A   B 2 3 ? 6.847   -6.889  1.504   1.00 9.76  ? 10  A   B "C4'" 1 
ATOM   192 O "O4'" . A   B 2 3 ? 5.476   -7.360  1.399   1.00 9.60  ? 10  A   B "O4'" 1 
ATOM   193 C "C3'" . A   B 2 3 ? 6.811   -5.554  0.771   1.00 9.44  ? 10  A   B "C3'" 1 
ATOM   194 O "O3'" . A   B 2 3 ? 8.098   -5.086  0.400   1.00 9.31  ? 10  A   B "O3'" 1 
ATOM   195 C "C2'" . A   B 2 3 ? 5.916   -5.903  -0.409  1.00 9.53  ? 10  A   B "C2'" 1 
ATOM   196 O "O2'" . A   B 2 3 ? 6.583   -6.687  -1.372  1.00 10.07 ? 10  A   B "O2'" 1 
ATOM   197 C "C1'" . A   B 2 3 ? 4.840   -6.726  0.294   1.00 9.42  ? 10  A   B "C1'" 1 
ATOM   198 N N9    . A   B 2 3 ? 3.780   -5.853  0.791   1.00 9.17  ? 10  A   B N9    1 
ATOM   199 C C8    . A   B 2 3 ? 3.639   -5.281  2.032   1.00 9.04  ? 10  A   B C8    1 
ATOM   200 N N7    . A   B 2 3 ? 2.592   -4.499  2.137   1.00 9.05  ? 10  A   B N7    1 
ATOM   201 C C5    . A   B 2 3 ? 2.017   -4.539  0.875   1.00 9.01  ? 10  A   B C5    1 
ATOM   202 C C6    . A   B 2 3 ? 0.877   -3.915  0.329   1.00 9.05  ? 10  A   B C6    1 
ATOM   203 N N6    . A   B 2 3 ? 0.073   -3.104  1.021   1.00 9.09  ? 10  A   B N6    1 
ATOM   204 N N1    . A   B 2 3 ? 0.588   -4.159  -0.968  1.00 9.07  ? 10  A   B N1    1 
ATOM   205 C C2    . A   B 2 3 ? 1.393   -4.972  -1.662  1.00 9.42  ? 10  A   B C2    1 
ATOM   206 N N3    . A   B 2 3 ? 2.488   -5.619  -1.261  1.00 9.44  ? 10  A   B N3    1 
ATOM   207 C C4    . A   B 2 3 ? 2.753   -5.349  0.029   1.00 9.25  ? 10  A   B C4    1 
ATOM   208 P P     . G   B 2 4 ? 8.429   -3.525  0.276   1.00 9.29  ? 11  G   B P     1 
ATOM   209 O OP1   . G   B 2 4 ? 9.887   -3.414  0.053   1.00 9.83  ? 11  G   B OP1   1 
ATOM   210 O OP2   . G   B 2 4 ? 7.801   -2.802  1.410   1.00 9.47  ? 11  G   B OP2   1 
ATOM   211 O "O5'" . G   B 2 4 ? 7.651   -3.029  -1.023  1.00 9.25  ? 11  G   B "O5'" 1 
ATOM   212 C "C5'" . G   B 2 4 ? 7.936   -3.600  -2.313  1.00 9.43  ? 11  G   B "C5'" 1 
ATOM   213 C "C4'" . G   B 2 4 ? 6.821   -3.280  -3.279  1.00 9.30  ? 11  G   B "C4'" 1 
ATOM   214 O "O4'" . G   B 2 4 ? 5.550   -3.703  -2.724  1.00 9.08  ? 11  G   B "O4'" 1 
ATOM   215 C "C3'" . G   B 2 4 ? 6.612   -1.805  -3.580  1.00 9.08  ? 11  G   B "C3'" 1 
ATOM   216 O "O3'" . G   B 2 4 ? 7.548   -1.366  -4.550  1.00 9.19  ? 11  G   B "O3'" 1 
ATOM   217 C "C2'" . G   B 2 4 ? 5.185   -1.811  -4.109  1.00 9.19  ? 11  G   B "C2'" 1 
ATOM   218 O "O2'" . G   B 2 4 ? 5.096   -2.252  -5.449  1.00 9.92  ? 11  G   B "O2'" 1 
ATOM   219 C "C1'" . G   B 2 4 ? 4.531   -2.828  -3.170  1.00 9.07  ? 11  G   B "C1'" 1 
ATOM   220 N N9    . G   B 2 4 ? 3.896   -2.213  -2.010  1.00 8.83  ? 11  G   B N9    1 
ATOM   221 C C8    . G   B 2 4 ? 4.340   -2.181  -0.708  1.00 8.92  ? 11  G   B C8    1 
ATOM   222 N N7    . G   B 2 4 ? 3.531   -1.539  0.092   1.00 9.03  ? 11  G   B N7    1 
ATOM   223 C C5    . G   B 2 4 ? 2.495   -1.115  -0.733  1.00 8.97  ? 11  G   B C5    1 
ATOM   224 C C6    . G   B 2 4 ? 1.328   -0.358  -0.436  1.00 9.30  ? 11  G   B C6    1 
ATOM   225 O O6    . G   B 2 4 ? 0.954   0.087   0.657   1.00 9.77  ? 11  G   B O6    1 
ATOM   226 N N1    . G   B 2 4 ? 0.557   -0.135  -1.575  1.00 9.44  ? 11  G   B N1    1 
ATOM   227 C C2    . G   B 2 4 ? 0.862   -0.588  -2.835  1.00 9.14  ? 11  G   B C2    1 
ATOM   228 N N2    . G   B 2 4 ? 0.006   -0.243  -3.809  1.00 9.27  ? 11  G   B N2    1 
ATOM   229 N N3    . G   B 2 4 ? 1.948   -1.291  -3.127  1.00 9.22  ? 11  G   B N3    1 
ATOM   230 C C4    . G   B 2 4 ? 2.709   -1.520  -2.034  1.00 9.01  ? 11  G   B C4    1 
ATOM   231 P P     . C   B 2 5 ? 7.976   0.165   -4.638  1.00 9.08  ? 12  C   B P     1 
ATOM   232 O OP1   . C   B 2 5 ? 9.098   0.203   -5.595  1.00 10.07 ? 12  C   B OP1   1 
ATOM   233 O OP2   . C   B 2 5 ? 8.144   0.755   -3.311  1.00 9.19  ? 12  C   B OP2   1 
ATOM   234 O "O5'" . C   B 2 5 ? 6.713   0.920   -5.257  1.00 8.71  ? 12  C   B "O5'" 1 
ATOM   235 C "C5'" . C   B 2 5 ? 6.432   0.749   -6.647  1.00 8.88  ? 12  C   B "C5'" 1 
ATOM   236 C "C4'" . C   B 2 5 ? 5.171   1.487   -7.005  1.00 8.63  ? 12  C   B "C4'" 1 
ATOM   237 O "O4'" . C   B 2 5 ? 4.025   0.927   -6.304  1.00 8.13  ? 12  C   B "O4'" 1 
ATOM   238 C "C3'" . C   B 2 5 ? 5.112   2.958   -6.638  1.00 8.56  ? 12  C   B "C3'" 1 
ATOM   239 O "O3'" . C   B 2 5 ? 5.847   3.741   -7.560  1.00 9.45  ? 12  C   B "O3'" 1 
ATOM   240 C "C2'" . C   B 2 5 ? 3.617   3.209   -6.735  1.00 8.20  ? 12  C   B "C2'" 1 
ATOM   241 O "O2'" . C   B 2 5 ? 3.237   3.188   -8.094  1.00 8.19  ? 12  C   B "O2'" 1 
ATOM   242 C "C1'" . C   B 2 5 ? 3.079   1.964   -6.037  1.00 7.88  ? 12  C   B "C1'" 1 
ATOM   243 N N1    . C   B 2 5 ? 2.952   2.130   -4.577  1.00 7.58  ? 12  C   B N1    1 
ATOM   244 C C2    . C   B 2 5 ? 1.836   2.808   -4.057  1.00 7.43  ? 12  C   B C2    1 
ATOM   245 O O2    . C   B 2 5 ? 0.993   3.297   -4.846  1.00 7.31  ? 12  C   B O2    1 
ATOM   246 N N3    . C   B 2 5 ? 1.719   2.940   -2.713  1.00 7.36  ? 12  C   B N3    1 
ATOM   247 C C4    . C   B 2 5 ? 2.649   2.420   -1.903  1.00 7.49  ? 12  C   B C4    1 
ATOM   248 N N4    . C   B 2 5 ? 2.481   2.559   -0.589  1.00 7.47  ? 12  C   B N4    1 
ATOM   249 C C5    . C   B 2 5 ? 3.799   1.748   -2.409  1.00 7.67  ? 12  C   B C5    1 
ATOM   250 C C6    . C   B 2 5 ? 3.904   1.615   -3.737  1.00 7.67  ? 12  C   B C6    1 
ATOM   251 P P     . U   B 2 6 ? 6.505   5.124   -7.097  1.00 10.02 ? 13  U   B P     1 
ATOM   252 O OP1   . U   B 2 6 ? 7.305   5.576   -8.256  1.00 11.49 ? 13  U   B OP1   1 
ATOM   253 O OP2   . U   B 2 6 ? 7.154   4.945   -5.770  1.00 10.70 ? 13  U   B OP2   1 
ATOM   254 O "O5'" . U   B 2 6 ? 5.271   6.098   -6.850  1.00 10.06 ? 13  U   B "O5'" 1 
ATOM   255 C "C5'" . U   B 2 6 ? 4.379   6.451   -7.917  1.00 10.46 ? 13  U   B "C5'" 1 
ATOM   256 C "C4'" . U   B 2 6 ? 3.143   7.092   -7.342  1.00 10.64 ? 13  U   B "C4'" 1 
ATOM   257 O "O4'" . U   B 2 6 ? 2.506   6.177   -6.410  1.00 10.40 ? 13  U   B "O4'" 1 
ATOM   258 C "C3'" . U   B 2 6 ? 3.372   8.341   -6.507  1.00 10.98 ? 13  U   B "C3'" 1 
ATOM   259 O "O3'" . U   B 2 6 ? 3.572   9.483   -7.330  1.00 11.49 ? 13  U   B "O3'" 1 
ATOM   260 C "C2'" . U   B 2 6 ? 2.088   8.393   -5.692  1.00 10.71 ? 13  U   B "C2'" 1 
ATOM   261 O "O2'" . U   B 2 6 ? 0.983   8.821   -6.467  1.00 11.07 ? 13  U   B "O2'" 1 
ATOM   262 C "C1'" . U   B 2 6 ? 1.906   6.912   -5.353  1.00 10.47 ? 13  U   B "C1'" 1 
ATOM   263 N N1    . U   B 2 6 ? 2.523   6.494   -4.084  1.00 10.43 ? 13  U   B N1    1 
ATOM   264 C C2    . U   B 2 6 ? 1.843   6.789   -2.916  1.00 10.65 ? 13  U   B C2    1 
ATOM   265 O O2    . U   B 2 6 ? 0.787   7.395   -2.902  1.00 10.92 ? 13  U   B O2    1 
ATOM   266 N N3    . U   B 2 6 ? 2.452   6.349   -1.767  1.00 10.63 ? 13  U   B N3    1 
ATOM   267 C C4    . U   B 2 6 ? 3.650   5.672   -1.661  1.00 10.74 ? 13  U   B C4    1 
ATOM   268 O O4    . U   B 2 6 ? 4.070   5.347   -0.545  1.00 11.36 ? 13  U   B O4    1 
ATOM   269 C C5    . U   B 2 6 ? 4.295   5.405   -2.913  1.00 10.64 ? 13  U   B C5    1 
ATOM   270 C C6    . U   B 2 6 ? 3.723   5.814   -4.053  1.00 10.44 ? 13  U   B C6    1 
ATOM   271 P P     . A   B 2 7 ? 4.472   10.689  -6.791  1.00 12.23 ? 14  A   B P     1 
ATOM   272 O OP1   . A   B 2 7 ? 4.523   11.658  -7.911  1.00 13.34 ? 14  A   B OP1   1 
ATOM   273 O OP2   . A   B 2 7 ? 5.721   10.195  -6.180  1.00 13.31 ? 14  A   B OP2   1 
ATOM   274 O "O5'" . A   B 2 7 ? 3.570   11.313  -5.634  1.00 11.37 ? 14  A   B "O5'" 1 
ATOM   275 C "C5'" . A   B 2 7 ? 2.360   12.020  -5.971  1.00 10.99 ? 14  A   B "C5'" 1 
ATOM   276 C "C4'" . A   B 2 7 ? 1.667   12.479  -4.718  1.00 10.61 ? 14  A   B "C4'" 1 
ATOM   277 O "O4'" . A   B 2 7 ? 1.255   11.325  -3.942  1.00 10.21 ? 14  A   B "O4'" 1 
ATOM   278 C "C3'" . A   B 2 7 ? 2.524   13.267  -3.738  1.00 11.03 ? 14  A   B "C3'" 1 
ATOM   279 O "O3'" . A   B 2 7 ? 2.661   14.619  -4.146  1.00 11.16 ? 14  A   B "O3'" 1 
ATOM   280 C "C2'" . A   B 2 7 ? 1.727   13.108  -2.453  1.00 10.94 ? 14  A   B "C2'" 1 
ATOM   281 O "O2'" . A   B 2 7 ? 0.584   13.943  -2.434  1.00 11.15 ? 14  A   B "O2'" 1 
ATOM   282 C "C1'" . A   B 2 7 ? 1.293   11.643  -2.562  1.00 10.59 ? 14  A   B "C1'" 1 
ATOM   283 N N9    . A   B 2 7 ? 2.220   10.719  -1.906  1.00 10.53 ? 14  A   B N9    1 
ATOM   284 C C8    . A   B 2 7 ? 3.248   9.995   -2.460  1.00 10.65 ? 14  A   B C8    1 
ATOM   285 N N7    . A   B 2 7 ? 3.909   9.266   -1.592  1.00 10.75 ? 14  A   B N7    1 
ATOM   286 C C5    . A   B 2 7 ? 3.279   9.532   -0.384  1.00 10.85 ? 14  A   B C5    1 
ATOM   287 C C6    . A   B 2 7 ? 3.507   9.071   0.925   1.00 11.23 ? 14  A   B C6    1 
ATOM   288 N N6    . A   B 2 7 ? 4.474   8.206   1.246   1.00 11.53 ? 14  A   B N6    1 
ATOM   289 N N1    . A   B 2 7 ? 2.700   9.538   1.906   1.00 11.44 ? 14  A   B N1    1 
ATOM   290 C C2    . A   B 2 7 ? 1.731   10.406  1.579   1.00 11.38 ? 14  A   B C2    1 
ATOM   291 N N3    . A   B 2 7 ? 1.407   10.900  0.383   1.00 11.13 ? 14  A   B N3    1 
ATOM   292 C C4    . A   B 2 7 ? 2.236   10.425  -0.564  1.00 10.81 ? 14  A   B C4    1 
HETATM 293 O O     . HOH C 3 . ? -2.740  7.890   -3.141  1.00 25.65 ? 101 HOH A O     1 
HETATM 294 O O     . HOH C 3 . ? -0.484  -4.707  -7.963  0.50 13.87 ? 102 HOH A O     1 
HETATM 295 O O     . HOH C 3 . ? 1.396   -12.002 1.388   1.00 25.30 ? 103 HOH A O     1 
HETATM 296 O O     . HOH C 3 . ? 0.332   -8.231  -6.990  1.00 21.12 ? 104 HOH A O     1 
HETATM 297 O O     . HOH C 3 . ? -1.705  12.359  6.585   1.00 14.92 ? 105 HOH A O     1 
HETATM 298 O O     . HOH C 3 . ? 4.589   6.591   10.655  1.00 26.33 ? 106 HOH A O     1 
HETATM 299 O O     . HOH C 3 . ? -6.686  2.753   -7.662  1.00 17.22 ? 107 HOH A O     1 
HETATM 300 O O     . HOH C 3 . ? -5.908  10.840  4.585   1.00 22.54 ? 108 HOH A O     1 
HETATM 301 O O     . HOH C 3 . ? -2.198  1.871   -6.132  1.00 16.48 ? 109 HOH A O     1 
HETATM 302 O O     . HOH C 3 . ? -8.164  -7.226  -3.927  1.00 23.35 ? 110 HOH A O     1 
HETATM 303 O O     . HOH C 3 . ? 1.142   12.963  4.562   0.50 30.14 ? 111 HOH A O     1 
HETATM 304 O O     . HOH C 3 . ? -4.766  -15.323 -3.477  1.00 19.35 ? 112 HOH A O     1 
HETATM 305 O O     . HOH C 3 . ? -7.888  -9.664  -5.767  1.00 13.13 ? 113 HOH A O     1 
HETATM 306 O O     . HOH C 3 . ? -11.261 5.948   -1.355  1.00 18.40 ? 114 HOH A O     1 
HETATM 307 O O     . HOH C 3 . ? -4.146  -5.083  -9.731  1.00 11.47 ? 115 HOH A O     1 
HETATM 308 O O     . HOH C 3 . ? -9.442  7.790   5.483   1.00 23.82 ? 116 HOH A O     1 
HETATM 309 O O     . HOH C 3 . ? 0.647   -14.303 1.859   1.00 24.50 ? 117 HOH A O     1 
HETATM 310 O O     . HOH C 3 . ? -6.304  -8.791  -2.444  1.00 19.18 ? 118 HOH A O     1 
HETATM 311 O O     . HOH C 3 . ? -6.849  -14.171 -6.730  1.00 19.03 ? 119 HOH A O     1 
HETATM 312 O O     . HOH C 3 . ? -6.596  -7.288  0.023   1.00 23.77 ? 120 HOH A O     1 
HETATM 313 O O     . HOH C 3 . ? -3.035  9.814   0.759   1.00 14.74 ? 121 HOH A O     1 
HETATM 314 O O     . HOH C 3 . ? -10.095 5.524   3.796   1.00 24.78 ? 122 HOH A O     1 
HETATM 315 O O     . HOH C 3 . ? 2.064   -12.778 -1.728  1.00 19.34 ? 123 HOH A O     1 
HETATM 316 O O     . HOH C 3 . ? -6.395  6.645   9.782   1.00 20.46 ? 124 HOH A O     1 
HETATM 317 O O     . HOH C 3 . ? -3.061  7.360   12.338  1.00 21.07 ? 125 HOH A O     1 
HETATM 318 O O     . HOH C 3 . ? -2.752  -13.764 -7.393  1.00 17.35 ? 126 HOH A O     1 
HETATM 319 O O     . HOH C 3 . ? 1.289   -9.284  -3.444  1.00 22.05 ? 127 HOH A O     1 
HETATM 320 O O     . HOH C 3 . ? 7.249   6.814   3.361   0.50 38.19 ? 128 HOH A O     1 
HETATM 321 O O     . HOH C 3 . ? -10.139 -6.441  -6.973  1.00 23.63 ? 129 HOH A O     1 
HETATM 322 O O     . HOH C 3 . ? 1.266   -11.657 -4.683  1.00 25.27 ? 130 HOH A O     1 
HETATM 323 O O     . HOH C 3 . ? -1.476  12.716  3.800   1.00 25.65 ? 131 HOH A O     1 
HETATM 324 O O     . HOH C 3 . ? -6.984  -3.711  -2.947  1.00 13.36 ? 132 HOH A O     1 
HETATM 325 O O     . HOH C 3 . ? 0.524   2.748   3.018   1.00 21.02 ? 133 HOH A O     1 
HETATM 326 O O     . HOH C 3 . ? -2.505  3.989   4.055   1.00 15.76 ? 134 HOH A O     1 
HETATM 327 O O     . HOH C 3 . ? -3.843  -1.655  1.818   1.00 18.24 ? 135 HOH A O     1 
HETATM 328 O O     . HOH C 3 . ? -5.935  -3.151  0.305   1.00 18.48 ? 136 HOH A O     1 
HETATM 329 O O     . HOH C 3 . ? -6.346  -0.761  -0.941  1.00 14.81 ? 137 HOH A O     1 
HETATM 330 O O     . HOH C 3 . ? -2.793  1.247   3.735   1.00 21.96 ? 138 HOH A O     1 
HETATM 331 O O     . HOH C 3 . ? -7.505  0.452   1.104   1.00 17.94 ? 139 HOH A O     1 
HETATM 332 O O     . HOH C 3 . ? 1.507   4.005   5.307   1.00 26.55 ? 140 HOH A O     1 
HETATM 333 O O     . HOH C 3 . ? 0.520   4.561   9.940   1.00 28.70 ? 141 HOH A O     1 
HETATM 334 O O     . HOH C 3 . ? -5.896  2.712   2.730   1.00 17.06 ? 142 HOH A O     1 
HETATM 335 O O     . HOH C 3 . ? -5.224  3.229   7.060   1.00 23.87 ? 143 HOH A O     1 
HETATM 336 O O     . HOH C 3 . ? 2.450   -7.143  -5.717  1.00 27.93 ? 144 HOH A O     1 
HETATM 337 O O     . HOH C 3 . ? -7.966  -5.078  -0.849  1.00 24.57 ? 145 HOH A O     1 
HETATM 338 O O     . HOH C 3 . ? -1.210  3.593   6.391   1.00 21.27 ? 146 HOH A O     1 
HETATM 339 O O     . HOH C 3 . ? -10.103 -0.657  -1.676  1.00 22.48 ? 147 HOH A O     1 
HETATM 340 O O     . HOH C 3 . ? -5.374  0.014   3.126   1.00 24.07 ? 148 HOH A O     1 
HETATM 341 O O     . HOH C 3 . ? -10.227 3.064   2.748   1.00 25.02 ? 149 HOH A O     1 
HETATM 342 O O     . HOH C 3 . ? -11.225 1.918   -2.361  1.00 23.91 ? 150 HOH A O     1 
HETATM 343 O O     . HOH C 3 . ? -10.669 -6.912  -2.667  1.00 30.19 ? 151 HOH A O     1 
HETATM 344 O O     . HOH C 3 . ? -9.729  -3.558  -5.546  1.00 30.37 ? 152 HOH A O     1 
HETATM 345 O O     . HOH D 3 . ? 6.020   -4.196  -6.875  1.00 20.13 ? 101 HOH B O     1 
HETATM 346 O O     . HOH D 3 . ? 2.014   -11.257 8.470   1.00 18.46 ? 102 HOH B O     1 
HETATM 347 O O     . HOH D 3 . ? -4.402  -4.732  11.491  1.00 26.27 ? 103 HOH B O     1 
HETATM 348 O O     . HOH D 3 . ? -0.870  8.623   -4.609  1.00 16.88 ? 104 HOH B O     1 
HETATM 349 O O     . HOH D 3 . ? 0.866   16.559  -2.825  1.00 16.17 ? 105 HOH B O     1 
HETATM 350 O O     . HOH D 3 . ? 7.523   -0.106  1.381   1.00 19.95 ? 106 HOH B O     1 
HETATM 351 O O     . HOH D 3 . ? 5.311   14.820  -4.693  1.00 20.36 ? 107 HOH B O     1 
HETATM 352 O O     . HOH D 3 . ? 10.554  2.333   -6.438  1.00 22.02 ? 108 HOH B O     1 
HETATM 353 O O     . HOH D 3 . ? 0.963   15.610  -6.024  1.00 14.97 ? 109 HOH B O     1 
HETATM 354 O O     . HOH D 3 . ? 9.261   -7.118  -1.765  1.00 21.24 ? 110 HOH B O     1 
HETATM 355 O O     . HOH D 3 . ? 10.332  0.594   -1.657  1.00 13.91 ? 111 HOH B O     1 
HETATM 356 O O     . HOH D 3 . ? 1.143   -11.978 5.977   1.00 19.07 ? 112 HOH B O     1 
HETATM 357 O O     . HOH D 3 . ? -0.143  13.595  0.206   1.00 15.41 ? 113 HOH B O     1 
HETATM 358 O O     . HOH D 3 . ? 3.387   -7.478  -3.100  1.00 25.98 ? 114 HOH B O     1 
HETATM 359 O O     . HOH D 3 . ? 5.218   14.288  -7.368  1.00 21.34 ? 115 HOH B O     1 
HETATM 360 O O     . HOH D 3 . ? 2.360   -1.935  -5.868  1.00 12.69 ? 116 HOH B O     1 
HETATM 361 O O     . HOH D 3 . ? 6.754   8.037   -4.712  1.00 27.69 ? 117 HOH B O     1 
HETATM 362 O O     . HOH D 3 . ? 0.771   9.573   -9.186  1.00 22.29 ? 118 HOH B O     1 
HETATM 363 O O     . HOH D 3 . ? 3.436   -9.090  11.742  1.00 21.01 ? 119 HOH B O     1 
HETATM 364 O O     . HOH D 3 . ? 6.359   -10.649 6.020   1.00 20.64 ? 120 HOH B O     1 
HETATM 365 O O     . HOH D 3 . ? 6.435   5.781   -11.018 1.00 27.20 ? 121 HOH B O     1 
HETATM 366 O O     . HOH D 3 . ? 6.654   1.106   -0.844  1.00 14.98 ? 122 HOH B O     1 
HETATM 367 O O     . HOH D 3 . ? 6.907   7.436   -0.180  1.00 33.42 ? 123 HOH B O     1 
HETATM 368 O O     . HOH D 3 . ? 4.250   -6.475  12.599  1.00 28.66 ? 124 HOH B O     1 
HETATM 369 O O     . HOH D 3 . ? 11.606  -5.285  1.660   1.00 23.61 ? 125 HOH B O     1 
HETATM 370 O O     . HOH D 3 . ? 2.104   -4.562  -6.525  1.00 19.65 ? 126 HOH B O     1 
HETATM 371 O O     . HOH D 3 . ? 4.831   -11.573 8.257   1.00 23.97 ? 127 HOH B O     1 
HETATM 372 O O     . HOH D 3 . ? 3.269   6.125   -11.309 1.00 33.35 ? 128 HOH B O     1 
HETATM 373 O O     . HOH D 3 . ? 7.347   3.569   -3.343  1.00 13.84 ? 129 HOH B O     1 
HETATM 374 O O     . HOH D 3 . ? 6.080   -2.399  3.507   1.00 16.54 ? 130 HOH B O     1 
HETATM 375 O O     . HOH D 3 . ? -0.517  -3.233  10.293  1.00 21.17 ? 131 HOH B O     1 
HETATM 376 O O     . HOH D 3 . ? 4.463   1.845   1.480   1.00 22.54 ? 132 HOH B O     1 
HETATM 377 O O     . HOH D 3 . ? 6.329   3.892   0.102   1.00 25.26 ? 133 HOH B O     1 
HETATM 378 O O     . HOH D 3 . ? -1.005  -3.281  5.798   1.00 27.67 ? 134 HOH B O     1 
HETATM 379 O O     . HOH D 3 . ? 1.576   -2.661  6.825   1.00 25.30 ? 135 HOH B O     1 
HETATM 380 O O     . HOH D 3 . ? 6.396   -4.526  9.728   1.00 26.81 ? 136 HOH B O     1 
HETATM 381 O O     . HOH D 3 . ? -3.538  -3.985  4.644   1.00 28.61 ? 137 HOH B O     1 
HETATM 382 O O     . HOH D 3 . ? 3.040   -3.499  4.748   1.00 21.68 ? 138 HOH B O     1 
HETATM 383 O O     . HOH D 3 . ? 3.789   -1.198  2.972   1.00 22.61 ? 139 HOH B O     1 
HETATM 384 O O     . HOH D 3 . ? 7.664   8.490   -8.468  1.00 31.32 ? 140 HOH B O     1 
HETATM 385 O O     . HOH D 3 . ? 1.544   0.150   3.433   1.00 28.74 ? 141 HOH B O     1 
HETATM 386 O O     . HOH D 3 . ? 5.864   10.366  -10.065 1.00 31.04 ? 142 HOH B O     1 
HETATM 387 O O     . HOH D 3 . ? 6.160   -2.576  7.695   1.00 29.05 ? 143 HOH B O     1 
HETATM 388 O O     . HOH D 3 . ? -0.807  -1.763  3.364   1.00 37.64 ? 144 HOH B O     1 
HETATM 389 O O     . HOH D 3 . ? 10.216  5.079   -6.031  1.00 34.65 ? 145 HOH B O     1 
# 
loop_
_atom_site_anisotrop.id 
_atom_site_anisotrop.type_symbol 
_atom_site_anisotrop.pdbx_label_atom_id 
_atom_site_anisotrop.pdbx_label_alt_id 
_atom_site_anisotrop.pdbx_label_comp_id 
_atom_site_anisotrop.pdbx_label_asym_id 
_atom_site_anisotrop.pdbx_label_seq_id 
_atom_site_anisotrop.pdbx_PDB_ins_code 
_atom_site_anisotrop.U[1][1] 
_atom_site_anisotrop.U[2][2] 
_atom_site_anisotrop.U[3][3] 
_atom_site_anisotrop.U[1][2] 
_atom_site_anisotrop.U[1][3] 
_atom_site_anisotrop.U[2][3] 
_atom_site_anisotrop.pdbx_auth_seq_id 
_atom_site_anisotrop.pdbx_auth_comp_id 
_atom_site_anisotrop.pdbx_auth_asym_id 
_atom_site_anisotrop.pdbx_auth_atom_id 
1   O "O5'" . U   A 1 ? 0.2485 0.1880 0.1967 -0.0258 -0.0313 0.0011  1  U   A "O5'" 
2   C "C5'" . U   A 1 ? 0.2454 0.1758 0.1826 -0.0278 -0.0291 0.0005  1  U   A "C5'" 
3   C "C4'" . U   A 1 ? 0.2315 0.1683 0.1745 -0.0280 -0.0236 -0.0002 1  U   A "C4'" 
4   O "O4'" . U   A 1 ? 0.2195 0.1642 0.1722 -0.0288 -0.0261 0.0002  1  U   A "O4'" 
5   C "C3'" . U   A 1 ? 0.2229 0.1674 0.1729 -0.0259 -0.0182 -0.0008 1  U   A "C3'" 
6   O "O3'" . U   A 1 ? 0.2309 0.1695 0.1739 -0.0259 -0.0133 -0.0023 1  U   A "O3'" 
7   C "C2'" . U   A 1 ? 0.2103 0.1608 0.1665 -0.0256 -0.0164 -0.0012 1  U   A "C2'" 
8   O "O2'" . U   A 1 ? 0.2100 0.1544 0.1590 -0.0260 -0.0137 -0.0024 1  U   A "O2'" 
9   C "C1'" . U   A 1 ? 0.2114 0.1637 0.1714 -0.0275 -0.0213 -0.0002 1  U   A "C1'" 
10  N N1    . U   A 1 ? 0.2031 0.1648 0.1748 -0.0266 -0.0224 0.0003  1  U   A N1    
11  C C2    . U   A 1 ? 0.1973 0.1646 0.1751 -0.0258 -0.0187 0.0002  1  U   A C2    
12  O O2    . U   A 1 ? 0.1976 0.1626 0.1715 -0.0254 -0.0155 -0.0004 1  U   A O2    
13  N N3    . U   A 1 ? 0.1934 0.1683 0.1811 -0.0252 -0.0188 0.0005  1  U   A N3    
14  C C4    . U   A 1 ? 0.2012 0.1797 0.1950 -0.0247 -0.0226 0.0009  1  U   A C4    
15  O O4    . U   A 1 ? 0.2049 0.1904 0.2085 -0.0238 -0.0216 0.0009  1  U   A O4    
16  C C5    . U   A 1 ? 0.2057 0.1778 0.1925 -0.0250 -0.0275 0.0010  1  U   A C5    
17  C C6    . U   A 1 ? 0.2080 0.1713 0.1833 -0.0262 -0.0270 0.0009  1  U   A C6    
18  P P     . A   A 2 ? 0.2421 0.1853 0.1897 -0.0246 -0.0090 -0.0034 2  A   A P     
19  O OP1   . A   A 2 ? 0.2535 0.1884 0.1925 -0.0259 -0.0037 -0.0054 2  A   A OP1   
20  O OP2   . A   A 2 ? 0.2285 0.1740 0.1790 -0.0237 -0.0126 -0.0019 2  A   A OP2   
21  O "O5'" . A   A 2 ? 0.2190 0.1726 0.1771 -0.0226 -0.0068 -0.0044 2  A   A "O5'" 
22  C "C5'" . A   A 2 ? 0.2174 0.1708 0.1751 -0.0220 -0.0040 -0.0062 2  A   A "C5'" 
23  C "C4'" . A   A 2 ? 0.2035 0.1647 0.1692 -0.0196 -0.0044 -0.0064 2  A   A "C4'" 
24  O "O4'" . A   A 2 ? 0.1983 0.1606 0.1655 -0.0203 -0.0078 -0.0041 2  A   A "O4'" 
25  C "C3'" . A   A 2 ? 0.1901 0.1580 0.1630 -0.0180 -0.0034 -0.0072 2  A   A "C3'" 
26  O "O3'" . A   A 2 ? 0.1877 0.1573 0.1631 -0.0172 0.0000  -0.0103 2  A   A "O3'" 
27  C "C2'" . A   A 2 ? 0.1852 0.1567 0.1619 -0.0162 -0.0052 -0.0062 2  A   A "C2'" 
28  O "O2'" . A   A 2 ? 0.1897 0.1605 0.1657 -0.0141 -0.0045 -0.0080 2  A   A "O2'" 
29  C "C1'" . A   A 2 ? 0.1875 0.1560 0.1614 -0.0184 -0.0076 -0.0039 2  A   A "C1'" 
30  N N9    . A   A 2 ? 0.1789 0.1506 0.1570 -0.0192 -0.0095 -0.0022 2  A   A N9    
31  C C8    . A   A 2 ? 0.1842 0.1543 0.1612 -0.0203 -0.0120 -0.0012 2  A   A C8    
32  N N7    . A   A 2 ? 0.1808 0.1552 0.1638 -0.0198 -0.0136 -0.0001 2  A   A N7    
33  C C5    . A   A 2 ? 0.1701 0.1487 0.1579 -0.0188 -0.0112 -0.0002 2  A   A C5    
34  C C6    . A   A 2 ? 0.1649 0.1482 0.1593 -0.0180 -0.0103 0.0004  2  A   A C6    
35  N N6    . A   A 2 ? 0.1666 0.1536 0.1670 -0.0177 -0.0121 0.0012  2  A   A N6    
36  N N1    . A   A 2 ? 0.1618 0.1450 0.1560 -0.0172 -0.0075 0.0000  2  A   A N1    
37  C C2    . A   A 2 ? 0.1620 0.1415 0.1506 -0.0166 -0.0067 -0.0011 2  A   A C2    
38  N N3    . A   A 2 ? 0.1659 0.1423 0.1499 -0.0168 -0.0075 -0.0019 2  A   A N3    
39  C C4    . A   A 2 ? 0.1729 0.1491 0.1567 -0.0182 -0.0092 -0.0014 2  A   A C4    
40  P P     . G   A 3 ? 0.1780 0.1521 0.1585 -0.0172 0.0018  -0.0117 3  G   A P     
41  O OP1   . G   A 3 ? 0.1858 0.1602 0.1684 -0.0180 0.0062  -0.0156 3  G   A OP1   
42  O OP2   . G   A 3 ? 0.1861 0.1577 0.1636 -0.0187 0.0006  -0.0092 3  G   A OP2   
43  O "O5'" . G   A 3 ? 0.1540 0.1342 0.1409 -0.0140 -0.0004 -0.0120 3  G   A "O5'" 
44  C "C5'" . G   A 3 ? 0.1407 0.1231 0.1304 -0.0111 -0.0010 -0.0145 3  G   A "C5'" 
45  C "C4'" . G   A 3 ? 0.1285 0.1124 0.1194 -0.0084 -0.0039 -0.0137 3  G   A "C4'" 
46  O "O4'" . G   A 3 ? 0.1232 0.1034 0.1093 -0.0093 -0.0050 -0.0101 3  G   A "O4'" 
47  C "C3'" . G   A 3 ? 0.1223 0.1095 0.1167 -0.0085 -0.0040 -0.0138 3  G   A "C3'" 
48  O "O3'" . G   A 3 ? 0.1240 0.1158 0.1246 -0.0072 -0.0039 -0.0178 3  G   A "O3'" 
49  C "C2'" . G   A 3 ? 0.1199 0.1047 0.1112 -0.0067 -0.0060 -0.0116 3  G   A "C2'" 
50  O "O2'" . G   A 3 ? 0.1200 0.1031 0.1102 -0.0032 -0.0082 -0.0136 3  G   A "O2'" 
51  C "C1'" . G   A 3 ? 0.1214 0.1027 0.1087 -0.0086 -0.0056 -0.0088 3  G   A "C1'" 
52  N N9    . G   A 3 ? 0.1176 0.0996 0.1058 -0.0111 -0.0050 -0.0064 3  G   A N9    
53  C C8    . G   A 3 ? 0.1192 0.1004 0.1064 -0.0133 -0.0048 -0.0059 3  G   A C8    
54  N N7    . G   A 3 ? 0.1182 0.0997 0.1062 -0.0143 -0.0056 -0.0038 3  G   A N7    
55  C C5    . G   A 3 ? 0.1154 0.0989 0.1062 -0.0130 -0.0054 -0.0031 3  G   A C5    
56  C C6    . G   A 3 ? 0.1144 0.0997 0.1085 -0.0128 -0.0054 -0.0013 3  G   A C6    
57  O O6    . G   A 3 ? 0.1159 0.1019 0.1119 -0.0134 -0.0069 -0.0002 3  G   A O6    
58  N N1    . G   A 3 ? 0.1141 0.0994 0.1089 -0.0115 -0.0038 -0.0011 3  G   A N1    
59  C C2    . G   A 3 ? 0.1165 0.0989 0.1074 -0.0100 -0.0033 -0.0024 3  G   A C2    
60  N N2    . G   A 3 ? 0.1224 0.1020 0.1114 -0.0087 -0.0017 -0.0020 3  G   A N2    
61  N N3    . G   A 3 ? 0.1179 0.0993 0.1066 -0.0094 -0.0044 -0.0042 3  G   A N3    
62  C C4    . G   A 3 ? 0.1162 0.0989 0.1058 -0.0111 -0.0049 -0.0044 3  G   A C4    
63  P P     . C   A 4 ? 0.1259 0.1206 0.1304 -0.0095 -0.0021 -0.0190 4  C   A P     
64  O OP1   . C   A 4 ? 0.1347 0.1351 0.1476 -0.0083 -0.0024 -0.0242 4  C   A OP1   
65  O OP2   . C   A 4 ? 0.1333 0.1249 0.1342 -0.0133 0.0012  -0.0172 4  C   A OP2   
66  O "O5'" . C   A 4 ? 0.1233 0.1162 0.1250 -0.0083 -0.0042 -0.0164 4  C   A "O5'" 
67  C "C5'" . C   A 4 ? 0.1258 0.1181 0.1269 -0.0047 -0.0076 -0.0173 4  C   A "C5'" 
68  C "C4'" . C   A 4 ? 0.1262 0.1143 0.1220 -0.0043 -0.0078 -0.0140 4  C   A "C4'" 
69  O "O4'" . C   A 4 ? 0.1251 0.1107 0.1178 -0.0056 -0.0063 -0.0106 4  C   A "O4'" 
70  C "C3'" . C   A 4 ? 0.1255 0.1142 0.1221 -0.0061 -0.0063 -0.0133 4  C   A "C3'" 
71  O "O3'" . C   A 4 ? 0.1263 0.1158 0.1247 -0.0050 -0.0082 -0.0162 4  C   A "O3'" 
72  C "C2'" . C   A 4 ? 0.1280 0.1127 0.1201 -0.0056 -0.0053 -0.0095 4  C   A "C2'" 
73  O "O2'" . C   A 4 ? 0.1355 0.1154 0.1228 -0.0030 -0.0067 -0.0096 4  C   A "O2'" 
74  C "C1'" . C   A 4 ? 0.1260 0.1107 0.1178 -0.0064 -0.0048 -0.0080 4  C   A "C1'" 
75  N N1    . C   A 4 ? 0.1246 0.1108 0.1179 -0.0089 -0.0037 -0.0065 4  C   A N1    
76  C C2    . C   A 4 ? 0.1264 0.1120 0.1199 -0.0091 -0.0030 -0.0039 4  C   A C2    
77  O O2    . C   A 4 ? 0.1324 0.1168 0.1254 -0.0077 -0.0021 -0.0031 4  C   A O2    
78  N N3    . C   A 4 ? 0.1263 0.1121 0.1203 -0.0105 -0.0033 -0.0028 4  C   A N3    
79  C C4    . C   A 4 ? 0.1280 0.1126 0.1201 -0.0121 -0.0035 -0.0038 4  C   A C4    
80  N N4    . C   A 4 ? 0.1335 0.1157 0.1234 -0.0132 -0.0045 -0.0025 4  C   A N4    
81  C C5    . C   A 4 ? 0.1254 0.1108 0.1176 -0.0125 -0.0027 -0.0064 4  C   A C5    
82  C C6    . C   A 4 ? 0.1240 0.1110 0.1179 -0.0106 -0.0032 -0.0078 4  C   A C6    
83  P P     . SUR A 5 ? 0.1281 0.1187 0.1281 -0.0075 -0.0066 -0.0174 5  SUR A P     
84  O OP1   . SUR A 5 ? 0.1330 0.1253 0.1352 -0.0111 -0.0031 -0.0175 5  SUR A OP1   
85  O OP2   . SUR A 5 ? 0.1368 0.1288 0.1399 -0.0062 -0.0099 -0.0213 5  SUR A OP2   
86  O "O5'" . SUR A 5 ? 0.1257 0.1107 0.1194 -0.0070 -0.0053 -0.0133 5  SUR A "O5'" 
87  C "C5'" . SUR A 5 ? 0.1258 0.1058 0.1142 -0.0044 -0.0068 -0.0127 5  SUR A "C5'" 
88  C "C4'" . SUR A 5 ? 0.1229 0.0993 0.1076 -0.0046 -0.0038 -0.0093 5  SUR A "C4'" 
89  O "O4'" . SUR A 5 ? 0.1205 0.0981 0.1066 -0.0048 -0.0021 -0.0065 5  SUR A "O4'" 
90  C "C3'" . SUR A 5 ? 0.1222 0.0989 0.1076 -0.0067 -0.0020 -0.0093 5  SUR A "C3'" 
91  C "C1'" . SUR A 5 ? 0.1224 0.0998 0.1090 -0.0054 0.0000  -0.0045 5  SUR A "C1'" 
92  N N1    . SUR A 5 ? 0.1220 0.1027 0.1115 -0.0072 -0.0002 -0.0041 5  SUR A N1    
93  C "C2'" . SUR A 5 ? 0.1244 0.0989 0.1080 -0.0057 0.0003  -0.0057 5  SUR A "C2'" 
94  C C6    . SUR A 5 ? 0.1216 0.1047 0.1128 -0.0087 -0.0011 -0.0060 5  SUR A C6    
95  C C2    . SUR A 5 ? 0.1254 0.1055 0.1155 -0.0068 0.0004  -0.0019 5  SUR A C2    
96  C C5    . SUR A 5 ? 0.1242 0.1075 0.1155 -0.0105 -0.0009 -0.0055 5  SUR A C5    
97  S S2    . SUR A 5 ? 0.1401 0.1179 0.1298 -0.0044 0.0021  -0.0002 5  SUR A S2    
98  N N3    . SUR A 5 ? 0.1269 0.1074 0.1172 -0.0082 -0.0006 -0.0016 5  SUR A N3    
99  C C4    . SUR A 5 ? 0.1258 0.1071 0.1157 -0.0102 -0.0010 -0.0032 5  SUR A C4    
100 O O4    . SUR A 5 ? 0.1367 0.1164 0.1248 -0.0114 -0.0018 -0.0027 5  SUR A O4    
101 O "O2'" . SUR A 5 ? 0.1303 0.0995 0.1092 -0.0036 0.0014  -0.0046 5  SUR A "O2'" 
102 O "O3'" . SUR A 5 ? 0.1238 0.0976 0.1066 -0.0069 -0.0030 -0.0113 5  SUR A "O3'" 
103 P P     . C   A 6 ? 0.1237 0.0981 0.1078 -0.0102 -0.0018 -0.0135 6  C   A P     
104 O OP1   . C   A 6 ? 0.1306 0.1025 0.1128 -0.0102 -0.0041 -0.0162 6  C   A OP1   
105 O OP2   . C   A 6 ? 0.1243 0.1041 0.1142 -0.0129 -0.0009 -0.0155 6  C   A OP2   
106 O "O5'" . C   A 6 ? 0.1282 0.0978 0.1073 -0.0103 0.0013  -0.0102 6  C   A "O5'" 
107 C "C5'" . C   A 6 ? 0.1352 0.0989 0.1087 -0.0078 0.0021  -0.0079 6  C   A "C5'" 
108 C "C4'" . C   A 6 ? 0.1384 0.1001 0.1103 -0.0066 0.0043  -0.0049 6  C   A "C4'" 
109 O "O4'" . C   A 6 ? 0.1330 0.0997 0.1101 -0.0059 0.0038  -0.0035 6  C   A "O4'" 
110 C "C3'" . C   A 6 ? 0.1453 0.1035 0.1137 -0.0089 0.0055  -0.0053 6  C   A "C3'" 
111 O "O3'" . C   A 6 ? 0.1578 0.1093 0.1198 -0.0096 0.0066  -0.0061 6  C   A "O3'" 
112 C "C2'" . C   A 6 ? 0.1460 0.1040 0.1150 -0.0064 0.0054  -0.0023 6  C   A "C2'" 
113 O "O2'" . C   A 6 ? 0.1525 0.1074 0.1199 -0.0029 0.0064  -0.0004 6  C   A "O2'" 
114 C "C1'" . C   A 6 ? 0.1372 0.1025 0.1133 -0.0059 0.0039  -0.0020 6  C   A "C1'" 
115 N N1    . C   A 6 ? 0.1337 0.1014 0.1114 -0.0084 0.0030  -0.0029 6  C   A N1    
116 C C2    . C   A 6 ? 0.1380 0.1039 0.1143 -0.0079 0.0019  -0.0013 6  C   A C2    
117 O O2    . C   A 6 ? 0.1464 0.1099 0.1217 -0.0051 0.0014  0.0005  6  C   A O2    
118 N N3    . C   A 6 ? 0.1376 0.1036 0.1132 -0.0102 0.0014  -0.0021 6  C   A N3    
119 C C4    . C   A 6 ? 0.1338 0.1030 0.1119 -0.0127 0.0024  -0.0045 6  C   A C4    
120 N N4    . C   A 6 ? 0.1352 0.1037 0.1121 -0.0149 0.0026  -0.0052 6  C   A N4    
121 C C5    . C   A 6 ? 0.1312 0.1040 0.1128 -0.0128 0.0029  -0.0065 6  C   A C5    
122 C C6    . C   A 6 ? 0.1306 0.1019 0.1111 -0.0107 0.0028  -0.0055 6  C   A C6    
123 P P     . C   A 7 ? 0.1670 0.1131 0.1238 -0.0138 0.0085  -0.0080 7  C   A P     
124 O OP1   . C   A 7 ? 0.1802 0.1193 0.1303 -0.0141 0.0093  -0.0087 7  C   A OP1   
125 O OP2   . C   A 7 ? 0.1662 0.1176 0.1284 -0.0179 0.0086  -0.0112 7  C   A OP2   
126 O "O5'" . C   A 7 ? 0.1735 0.1144 0.1252 -0.0121 0.0091  -0.0052 7  C   A "O5'" 
127 C "C5'" . C   A 7 ? 0.1826 0.1185 0.1302 -0.0075 0.0090  -0.0024 7  C   A "C5'" 
128 C "C4'" . C   A 7 ? 0.1897 0.1210 0.1331 -0.0057 0.0079  -0.0006 7  C   A "C4'" 
129 O "O4'" . C   A 7 ? 0.1824 0.1215 0.1337 -0.0049 0.0055  0.0001  7  C   A "O4'" 
130 C "C3'" . C   A 7 ? 0.2017 0.1237 0.1351 -0.0097 0.0094  -0.0019 7  C   A "C3'" 
131 O "O3'" . C   A 7 ? 0.2133 0.1238 0.1358 -0.0101 0.0115  -0.0021 7  C   A "O3'" 
132 C "C2'" . C   A 7 ? 0.2052 0.1250 0.1368 -0.0070 0.0064  0.0000  7  C   A "C2'" 
133 O "O2'" . C   A 7 ? 0.2138 0.1276 0.1410 -0.0015 0.0042  0.0022  7  C   A "O2'" 
134 C "C1'" . C   A 7 ? 0.1947 0.1279 0.1398 -0.0058 0.0043  0.0004  7  C   A "C1'" 
135 N N1    . C   A 7 ? 0.1894 0.1270 0.1376 -0.0100 0.0049  -0.0013 7  C   A N1    
136 C C2    . C   A 7 ? 0.1969 0.1304 0.1407 -0.0105 0.0032  -0.0008 7  C   A C2    
137 O O2    . C   A 7 ? 0.2081 0.1342 0.1453 -0.0073 0.0004  0.0010  7  C   A O2    
138 N N3    . C   A 7 ? 0.1991 0.1358 0.1453 -0.0141 0.0045  -0.0024 7  C   A N3    
139 C C4    . C   A 7 ? 0.1916 0.1363 0.1455 -0.0167 0.0067  -0.0047 7  C   A C4    
140 N N4    . C   A 7 ? 0.1942 0.1419 0.1508 -0.0195 0.0079  -0.0065 7  C   A N4    
141 C C5    . C   A 7 ? 0.1836 0.1325 0.1421 -0.0159 0.0072  -0.0055 7  C   A C5    
142 C C6    . C   A 7 ? 0.1846 0.1292 0.1393 -0.0128 0.0066  -0.0036 7  C   A C6    
143 O "O5'" . G   B 1 ? 0.1971 0.1761 0.2027 -0.0005 0.0510  -0.0061 8  G   B "O5'" 
144 C "C5'" . G   B 1 ? 0.1961 0.1664 0.1903 0.0000  0.0512  -0.0062 8  G   B "C5'" 
145 C "C4'" . G   B 1 ? 0.1822 0.1582 0.1822 -0.0042 0.0469  -0.0075 8  G   B "C4'" 
146 O "O4'" . G   B 1 ? 0.1732 0.1559 0.1870 -0.0066 0.0495  -0.0061 8  G   B "O4'" 
147 C "C3'" . G   B 1 ? 0.1708 0.1530 0.1739 -0.0067 0.0394  -0.0095 8  G   B "C3'" 
148 O "O3'" . G   B 1 ? 0.1756 0.1532 0.1686 -0.0062 0.0347  -0.0098 8  G   B "O3'" 
149 C "C2'" . G   B 1 ? 0.1622 0.1485 0.1718 -0.0090 0.0384  -0.0098 8  G   B "C2'" 
150 O "O2'" . G   B 1 ? 0.1683 0.1493 0.1700 -0.0082 0.0386  -0.0094 8  G   B "O2'" 
151 C "C1'" . G   B 1 ? 0.1640 0.1520 0.1832 -0.0100 0.0434  -0.0081 8  G   B "C1'" 
152 N N9    . G   B 1 ? 0.1564 0.1521 0.1876 -0.0117 0.0413  -0.0082 8  G   B N9    
153 C C8    . G   B 1 ? 0.1571 0.1565 0.1948 -0.0103 0.0442  -0.0066 8  G   B C8    
154 N N7    . G   B 1 ? 0.1536 0.1601 0.2022 -0.0123 0.0404  -0.0070 8  G   B N7    
155 C C5    . G   B 1 ? 0.1508 0.1560 0.1978 -0.0151 0.0344  -0.0092 8  G   B C5    
156 C C6    . G   B 1 ? 0.1543 0.1617 0.2065 -0.0173 0.0278  -0.0108 8  G   B C6    
157 O O6    . G   B 1 ? 0.1615 0.1737 0.2227 -0.0183 0.0250  -0.0105 8  G   B O6    
158 N N1    . G   B 1 ? 0.1551 0.1564 0.1989 -0.0178 0.0243  -0.0126 8  G   B N1    
159 C C2    . G   B 1 ? 0.1582 0.1544 0.1921 -0.0163 0.0268  -0.0125 8  G   B C2    
160 N N2    . G   B 1 ? 0.1621 0.1527 0.1880 -0.0154 0.0235  -0.0138 8  G   B N2    
161 N N3    . G   B 1 ? 0.1536 0.1490 0.1843 -0.0149 0.0320  -0.0112 8  G   B N3    
162 C C4    . G   B 1 ? 0.1530 0.1520 0.1895 -0.0144 0.0355  -0.0098 8  G   B C4    
163 P P     . G   B 2 ? 0.1703 0.1529 0.1652 -0.0079 0.0282  -0.0102 9  G   B P     
164 O OP1   . G   B 2 ? 0.1913 0.1678 0.1769 -0.0082 0.0232  -0.0089 9  G   B OP1   
165 O OP2   . G   B 2 ? 0.1755 0.1598 0.1742 -0.0076 0.0291  -0.0111 9  G   B OP2   
166 O "O5'" . G   B 2 ? 0.1571 0.1488 0.1606 -0.0092 0.0266  -0.0101 9  G   B "O5'" 
167 C "C5'" . G   B 2 ? 0.1503 0.1419 0.1513 -0.0086 0.0261  -0.0089 9  G   B "C5'" 
168 C "C4'" . G   B 2 ? 0.1407 0.1374 0.1467 -0.0081 0.0258  -0.0091 9  G   B "C4'" 
169 O "O4'" . G   B 2 ? 0.1362 0.1318 0.1467 -0.0092 0.0278  -0.0111 9  G   B "O4'" 
170 C "C3'" . G   B 2 ? 0.1355 0.1384 0.1453 -0.0079 0.0229  -0.0083 9  G   B "C3'" 
171 O "O3'" . G   B 2 ? 0.1394 0.1465 0.1490 -0.0069 0.0209  -0.0045 9  G   B "O3'" 
172 C "C2'" . G   B 2 ? 0.1318 0.1342 0.1429 -0.0067 0.0234  -0.0098 9  G   B "C2'" 
173 O "O2'" . G   B 2 ? 0.1361 0.1364 0.1419 -0.0036 0.0243  -0.0083 9  G   B "O2'" 
174 C "C1'" . G   B 2 ? 0.1319 0.1303 0.1455 -0.0090 0.0252  -0.0119 9  G   B "C1'" 
175 N N9    . G   B 2 ? 0.1235 0.1246 0.1436 -0.0106 0.0245  -0.0132 9  G   B N9    
176 C C8    . G   B 2 ? 0.1235 0.1250 0.1456 -0.0112 0.0266  -0.0130 9  G   B C8    
177 N N7    . G   B 2 ? 0.1209 0.1257 0.1495 -0.0117 0.0258  -0.0137 9  G   B N7    
178 C C5    . G   B 2 ? 0.1173 0.1229 0.1479 -0.0122 0.0220  -0.0148 9  G   B C5    
179 C C6    . G   B 2 ? 0.1145 0.1219 0.1505 -0.0128 0.0185  -0.0160 9  G   B C6    
180 O O6    . G   B 2 ? 0.1177 0.1289 0.1607 -0.0131 0.0184  -0.0159 9  G   B O6    
181 N N1    . G   B 2 ? 0.1159 0.1188 0.1470 -0.0121 0.0146  -0.0170 9  G   B N1    
182 C C2    . G   B 2 ? 0.1203 0.1186 0.1429 -0.0102 0.0153  -0.0166 9  G   B C2    
183 N N2    . G   B 2 ? 0.1272 0.1184 0.1423 -0.0080 0.0118  -0.0176 9  G   B N2    
184 N N3    . G   B 2 ? 0.1223 0.1210 0.1420 -0.0096 0.0189  -0.0151 9  G   B N3    
185 C C4    . G   B 2 ? 0.1205 0.1227 0.1445 -0.0111 0.0216  -0.0145 9  G   B C4    
186 P P     . A   B 3 ? 0.1392 0.1525 0.1535 -0.0081 0.0175  -0.0017 10 A   B P     
187 O OP1   . A   B 3 ? 0.1453 0.1632 0.1618 -0.0078 0.0151  0.0037  10 A   B OP1   
188 O OP2   . A   B 3 ? 0.1481 0.1579 0.1616 -0.0107 0.0158  -0.0041 10 A   B OP2   
189 O "O5'" . A   B 3 ? 0.1255 0.1423 0.1420 -0.0052 0.0192  -0.0016 10 A   B "O5'" 
190 C "C5'" . A   B 3 ? 0.1187 0.1374 0.1335 -0.0006 0.0216  0.0013  10 A   B "C5'" 
191 C "C4'" . A   B 3 ? 0.1142 0.1307 0.1261 0.0026  0.0227  0.0001  10 A   B "C4'" 
192 O "O4'" . A   B 3 ? 0.1159 0.1245 0.1244 0.0011  0.0218  -0.0055 10 A   B "O4'" 
193 C "C3'" . A   B 3 ? 0.1075 0.1279 0.1234 0.0015  0.0213  0.0011  10 A   B "C3'" 
194 O "O3'" . A   B 3 ? 0.1014 0.1301 0.1222 0.0035  0.0225  0.0080  10 A   B "O3'" 
195 C "C2'" . A   B 3 ? 0.1131 0.1263 0.1227 0.0042  0.0213  -0.0027 10 A   B "C2'" 
196 O "O2'" . A   B 3 ? 0.1236 0.1333 0.1255 0.0110  0.0241  0.0000  10 A   B "O2'" 
197 C "C1'" . A   B 3 ? 0.1142 0.1213 0.1226 0.0014  0.0201  -0.0074 10 A   B "C1'" 
198 N N9    . A   B 3 ? 0.1086 0.1171 0.1229 -0.0033 0.0182  -0.0102 10 A   B N9    
199 C C8    . A   B 3 ? 0.1049 0.1156 0.1228 -0.0065 0.0185  -0.0102 10 A   B C8    
200 N N7    . A   B 3 ? 0.1040 0.1146 0.1254 -0.0085 0.0177  -0.0124 10 A   B N7    
201 C C5    . A   B 3 ? 0.1038 0.1131 0.1254 -0.0072 0.0157  -0.0140 10 A   B C5    
202 C C6    . A   B 3 ? 0.1029 0.1124 0.1286 -0.0081 0.0136  -0.0162 10 A   B C6    
203 N N6    . A   B 3 ? 0.1011 0.1127 0.1316 -0.0095 0.0145  -0.0166 10 A   B N6    
204 N N1    . A   B 3 ? 0.1053 0.1111 0.1284 -0.0064 0.0104  -0.0174 10 A   B N1    
205 C C2    . A   B 3 ? 0.1139 0.1151 0.1289 -0.0032 0.0105  -0.0166 10 A   B C2    
206 N N3    . A   B 3 ? 0.1156 0.1169 0.1263 -0.0013 0.0135  -0.0142 10 A   B N3    
207 C C4    . A   B 3 ? 0.1096 0.1163 0.1255 -0.0041 0.0157  -0.0129 10 A   B C4    
208 P P     . G   B 4 ? 0.0967 0.1314 0.1249 -0.0004 0.0198  0.0113  11 G   B P     
209 O OP1   . G   B 4 ? 0.0974 0.1425 0.1337 0.0015  0.0215  0.0204  11 G   B OP1   
210 O OP2   . G   B 4 ? 0.1000 0.1313 0.1287 -0.0065 0.0154  0.0075  11 G   B OP2   
211 O "O5'" . G   B 4 ? 0.0991 0.1296 0.1230 0.0018  0.0207  0.0083  11 G   B "O5'" 
212 C "C5'" . G   B 4 ? 0.1043 0.1323 0.1219 0.0090  0.0247  0.0103  11 G   B "C5'" 
213 C "C4'" . G   B 4 ? 0.1077 0.1273 0.1182 0.0101  0.0230  0.0049  11 G   B "C4'" 
214 O "O4'" . G   B 4 ? 0.1075 0.1211 0.1164 0.0066  0.0195  -0.0020 11 G   B "O4'" 
215 C "C3'" . G   B 4 ? 0.1028 0.1249 0.1175 0.0070  0.0210  0.0054  11 G   B "C3'" 
216 O "O3'" . G   B 4 ? 0.1031 0.1285 0.1178 0.0113  0.0248  0.0119  11 G   B "O3'" 
217 C "C2'" . G   B 4 ? 0.1092 0.1224 0.1178 0.0071  0.0178  -0.0019 11 G   B "C2'" 
218 O "O2'" . G   B 4 ? 0.1247 0.1295 0.1225 0.0135  0.0187  -0.0023 11 G   B "O2'" 
219 C "C1'" . G   B 4 ? 0.1081 0.1191 0.1173 0.0046  0.0164  -0.0058 11 G   B "C1'" 
220 N N9    . G   B 4 ? 0.1018 0.1158 0.1180 -0.0011 0.0144  -0.0080 11 G   B N9    
221 C C8    . G   B 4 ? 0.1005 0.1180 0.1204 -0.0042 0.0149  -0.0066 11 G   B C8    
222 N N7    . G   B 4 ? 0.1017 0.1180 0.1235 -0.0074 0.0135  -0.0091 11 G   B N7    
223 C C5    . G   B 4 ? 0.1015 0.1157 0.1234 -0.0065 0.0122  -0.0120 11 G   B C5    
224 C C6    . G   B 4 ? 0.1054 0.1184 0.1296 -0.0076 0.0111  -0.0147 11 G   B C6    
225 O O6    . G   B 4 ? 0.1115 0.1237 0.1362 -0.0090 0.0121  -0.0149 11 G   B O6    
226 N N1    . G   B 4 ? 0.1074 0.1193 0.1321 -0.0059 0.0090  -0.0166 11 G   B N1    
227 C C2    . G   B 4 ? 0.1060 0.1151 0.1261 -0.0032 0.0076  -0.0165 11 G   B C2    
228 N N2    . G   B 4 ? 0.1090 0.1151 0.1283 -0.0018 0.0043  -0.0187 11 G   B N2    
229 N N3    . G   B 4 ? 0.1088 0.1170 0.1243 -0.0012 0.0095  -0.0141 11 G   B N3    
230 C C4    . G   B 4 ? 0.1040 0.1162 0.1221 -0.0031 0.0119  -0.0117 11 G   B C4    
231 P P     . C   B 5 ? 0.0970 0.1286 0.1195 0.0073  0.0236  0.0163  12 C   B P     
232 O OP1   . C   B 5 ? 0.1074 0.1438 0.1313 0.0131  0.0296  0.0252  12 C   B OP1   
233 O OP2   . C   B 5 ? 0.0940 0.1302 0.1250 -0.0006 0.0191  0.0168  12 C   B OP2   
234 O "O5'" . C   B 5 ? 0.0974 0.1204 0.1132 0.0068  0.0205  0.0097  12 C   B "O5'" 
235 C "C5'" . C   B 5 ? 0.1057 0.1208 0.1109 0.0136  0.0225  0.0088  12 C   B "C5'" 
236 C "C4'" . C   B 5 ? 0.1063 0.1145 0.1072 0.0120  0.0179  0.0024  12 C   B "C4'" 
237 O "O4'" . C   B 5 ? 0.1004 0.1061 0.1025 0.0090  0.0136  -0.0044 12 C   B "O4'" 
238 C "C3'" . C   B 5 ? 0.1023 0.1138 0.1091 0.0068  0.0156  0.0033  12 C   B "C3'" 
239 O "O3'" . C   B 5 ? 0.1139 0.1258 0.1192 0.0093  0.0186  0.0092  12 C   B "O3'" 
240 C "C2'" . C   B 5 ? 0.1010 0.1062 0.1043 0.0062  0.0110  -0.0043 12 C   B "C2'" 
241 O "O2'" . C   B 5 ? 0.1070 0.1039 0.1004 0.0119  0.0107  -0.0057 12 C   B "O2'" 
242 C "C1'" . C   B 5 ? 0.0963 0.1016 0.1014 0.0053  0.0100  -0.0079 12 C   B "C1'" 
243 N N1    . C   B 5 ? 0.0885 0.0986 0.1009 -0.0001 0.0092  -0.0086 12 C   B N1    
244 C C2    . C   B 5 ? 0.0864 0.0952 0.1007 -0.0022 0.0067  -0.0123 12 C   B C2    
245 O O2    . C   B 5 ? 0.0867 0.0921 0.0989 -0.0002 0.0046  -0.0149 12 C   B O2    
246 N N3    . C   B 5 ? 0.0840 0.0941 0.1014 -0.0055 0.0069  -0.0126 12 C   B N3    
247 C C4    . C   B 5 ? 0.0844 0.0971 0.1033 -0.0074 0.0081  -0.0098 12 C   B C4    
248 N N4    . C   B 5 ? 0.0846 0.0957 0.1034 -0.0098 0.0079  -0.0105 12 C   B N4    
249 C C5    . C   B 5 ? 0.0852 0.1014 0.1048 -0.0060 0.0100  -0.0059 12 C   B C5    
250 C C6    . C   B 5 ? 0.0868 0.1017 0.1029 -0.0019 0.0111  -0.0051 12 C   B C6    
251 P P     . U   B 6 ? 0.1165 0.1339 0.1301 0.0031  0.0172  0.0145  13 U   B P     
252 O OP1   . U   B 6 ? 0.1354 0.1535 0.1476 0.0074  0.0222  0.0218  13 U   B OP1   
253 O OP2   . U   B 6 ? 0.1195 0.1442 0.1428 -0.0029 0.0153  0.0173  13 U   B OP2   
254 O "O5'" . U   B 6 ? 0.1211 0.1311 0.1301 0.0001  0.0119  0.0075  13 U   B "O5'" 
255 C "C5'" . U   B 6 ? 0.1318 0.1340 0.1320 0.0046  0.0112  0.0034  13 U   B "C5'" 
256 C "C4'" . U   B 6 ? 0.1357 0.1339 0.1346 0.0021  0.0065  -0.0030 13 U   B "C4'" 
257 O "O4'" . U   B 6 ? 0.1306 0.1312 0.1336 0.0008  0.0053  -0.0071 13 U   B "O4'" 
258 C "C3'" . U   B 6 ? 0.1399 0.1368 0.1403 -0.0033 0.0041  -0.0012 13 U   B "C3'" 
259 O "O3'" . U   B 6 ? 0.1496 0.1418 0.1452 -0.0028 0.0039  0.0013  13 U   B "O3'" 
260 C "C2'" . U   B 6 ? 0.1380 0.1319 0.1372 -0.0035 0.0015  -0.0076 13 U   B "C2'" 
261 O "O2'" . U   B 6 ? 0.1456 0.1349 0.1401 0.0005  0.0000  -0.0116 13 U   B "O2'" 
262 C "C1'" . U   B 6 ? 0.1315 0.1307 0.1356 -0.0026 0.0029  -0.0094 13 U   B "C1'" 
263 N N1    . U   B 6 ? 0.1286 0.1310 0.1368 -0.0066 0.0033  -0.0076 13 U   B N1    
264 C C2    . U   B 6 ? 0.1329 0.1322 0.1398 -0.0081 0.0020  -0.0103 13 U   B C2    
265 O O2    . U   B 6 ? 0.1385 0.1338 0.1425 -0.0061 0.0014  -0.0135 13 U   B O2    
266 N N3    . U   B 6 ? 0.1316 0.1320 0.1401 -0.0112 0.0019  -0.0087 13 U   B N3    
267 C C4    . U   B 6 ? 0.1298 0.1354 0.1427 -0.0132 0.0024  -0.0044 13 U   B C4    
268 O O4    . U   B 6 ? 0.1376 0.1429 0.1510 -0.0158 0.0013  -0.0035 13 U   B O4    
269 C C5    . U   B 6 ? 0.1259 0.1367 0.1418 -0.0110 0.0046  -0.0011 13 U   B C5    
270 C C6    . U   B 6 ? 0.1254 0.1335 0.1378 -0.0076 0.0052  -0.0028 13 U   B C6    
271 P P     . A   B 7 ? 0.1589 0.1494 0.1561 -0.0093 0.0014  0.0072  14 A   B P     
272 O OP1   . A   B 7 ? 0.1768 0.1618 0.1684 -0.0072 0.0023  0.0095  14 A   B OP1   
273 O OP2   . A   B 7 ? 0.1666 0.1654 0.1737 -0.0137 0.0019  0.0138  14 A   B OP2   
274 O "O5'" . A   B 7 ? 0.1526 0.1352 0.1442 -0.0117 -0.0033 0.0016  14 A   B "O5'" 
275 C "C5'" . A   B 7 ? 0.1532 0.1280 0.1364 -0.0077 -0.0044 -0.0037 14 A   B "C5'" 
276 C "C4'" . A   B 7 ? 0.1526 0.1203 0.1303 -0.0087 -0.0070 -0.0072 14 A   B "C4'" 
277 O "O4'" . A   B 7 ? 0.1436 0.1175 0.1270 -0.0077 -0.0052 -0.0098 14 A   B "O4'" 
278 C "C3'" . A   B 7 ? 0.1622 0.1217 0.1350 -0.0150 -0.0115 -0.0036 14 A   B "C3'" 
279 O "O3'" . A   B 7 ? 0.1703 0.1193 0.1344 -0.0164 -0.0145 -0.0019 14 A   B "O3'" 
280 C "C2'" . A   B 7 ? 0.1650 0.1188 0.1319 -0.0131 -0.0118 -0.0079 14 A   B "C2'" 
281 O "O2'" . A   B 7 ? 0.1743 0.1186 0.1308 -0.0079 -0.0115 -0.0117 14 A   B "O2'" 
282 C "C1'" . A   B 7 ? 0.1526 0.1195 0.1304 -0.0101 -0.0072 -0.0101 14 A   B "C1'" 
283 N N9    . A   B 7 ? 0.1477 0.1205 0.1321 -0.0141 -0.0073 -0.0074 14 A   B N9    
284 C C8    . A   B 7 ? 0.1427 0.1254 0.1367 -0.0164 -0.0062 -0.0032 14 A   B C8    
285 N N7    . A   B 7 ? 0.1414 0.1277 0.1395 -0.0192 -0.0068 -0.0012 14 A   B N7    
286 C C5    . A   B 7 ? 0.1487 0.1253 0.1382 -0.0191 -0.0086 -0.0047 14 A   B C5    
287 C C6    . A   B 7 ? 0.1558 0.1286 0.1423 -0.0208 -0.0101 -0.0048 14 A   B C6    
288 N N6    . A   B 7 ? 0.1546 0.1347 0.1487 -0.0237 -0.0107 -0.0014 14 A   B N6    
289 N N1    . A   B 7 ? 0.1668 0.1270 0.1410 -0.0182 -0.0104 -0.0081 14 A   B N1    
290 C C2    . A   B 7 ? 0.1707 0.1242 0.1375 -0.0142 -0.0092 -0.0108 14 A   B C2    
291 N N3    . A   B 7 ? 0.1651 0.1225 0.1351 -0.0126 -0.0084 -0.0111 14 A   B N3    
292 C C4    . A   B 7 ? 0.1539 0.1222 0.1348 -0.0155 -0.0083 -0.0081 14 A   B C4    
# 
loop_
_pdbx_poly_seq_scheme.asym_id 
_pdbx_poly_seq_scheme.entity_id 
_pdbx_poly_seq_scheme.seq_id 
_pdbx_poly_seq_scheme.mon_id 
_pdbx_poly_seq_scheme.ndb_seq_num 
_pdbx_poly_seq_scheme.pdb_seq_num 
_pdbx_poly_seq_scheme.auth_seq_num 
_pdbx_poly_seq_scheme.pdb_mon_id 
_pdbx_poly_seq_scheme.auth_mon_id 
_pdbx_poly_seq_scheme.pdb_strand_id 
_pdbx_poly_seq_scheme.pdb_ins_code 
_pdbx_poly_seq_scheme.hetero 
A 1 1 U   1 1  1  U   U   A . n 
A 1 2 A   2 2  2  A   A   A . n 
A 1 3 G   3 3  3  G   G   A . n 
A 1 4 C   4 4  4  C   C   A . n 
A 1 5 SUR 5 5  5  SUR 2sU A . n 
A 1 6 C   6 6  6  C   C   A . n 
A 1 7 C   7 7  7  C   C   A . n 
B 2 1 G   1 8  8  G   G   B . n 
B 2 2 G   2 9  9  G   G   B . n 
B 2 3 A   3 10 10 A   A   B . n 
B 2 4 G   4 11 11 G   G   B . n 
B 2 5 C   5 12 12 C   C   B . n 
B 2 6 U   6 13 13 U   U   B . n 
B 2 7 A   7 14 14 A   A   B . n 
# 
loop_
_pdbx_nonpoly_scheme.asym_id 
_pdbx_nonpoly_scheme.entity_id 
_pdbx_nonpoly_scheme.mon_id 
_pdbx_nonpoly_scheme.ndb_seq_num 
_pdbx_nonpoly_scheme.pdb_seq_num 
_pdbx_nonpoly_scheme.auth_seq_num 
_pdbx_nonpoly_scheme.pdb_mon_id 
_pdbx_nonpoly_scheme.auth_mon_id 
_pdbx_nonpoly_scheme.pdb_strand_id 
_pdbx_nonpoly_scheme.pdb_ins_code 
C 3 HOH 1  101 97 HOH HOH A . 
C 3 HOH 2  102 44 HOH HOH A . 
C 3 HOH 3  103 37 HOH HOH A . 
C 3 HOH 4  104 42 HOH HOH A . 
C 3 HOH 5  105 4  HOH HOH A . 
C 3 HOH 6  106 83 HOH HOH A . 
C 3 HOH 7  107 24 HOH HOH A . 
C 3 HOH 8  108 90 HOH HOH A . 
C 3 HOH 9  109 66 HOH HOH A . 
C 3 HOH 10 110 72 HOH HOH A . 
C 3 HOH 11 111 96 HOH HOH A . 
C 3 HOH 12 112 39 HOH HOH A . 
C 3 HOH 13 113 1  HOH HOH A . 
C 3 HOH 14 114 25 HOH HOH A . 
C 3 HOH 15 115 2  HOH HOH A . 
C 3 HOH 16 116 51 HOH HOH A . 
C 3 HOH 17 117 47 HOH HOH A . 
C 3 HOH 18 118 26 HOH HOH A . 
C 3 HOH 19 119 31 HOH HOH A . 
C 3 HOH 20 120 67 HOH HOH A . 
C 3 HOH 21 121 11 HOH HOH A . 
C 3 HOH 22 122 75 HOH HOH A . 
C 3 HOH 23 123 14 HOH HOH A . 
C 3 HOH 24 124 48 HOH HOH A . 
C 3 HOH 25 125 15 HOH HOH A . 
C 3 HOH 26 126 3  HOH HOH A . 
C 3 HOH 27 127 58 HOH HOH A . 
C 3 HOH 28 128 65 HOH HOH A . 
C 3 HOH 29 129 86 HOH HOH A . 
C 3 HOH 30 130 69 HOH HOH A . 
C 3 HOH 31 131 57 HOH HOH A . 
C 3 HOH 32 132 5  HOH HOH A . 
C 3 HOH 33 133 12 HOH HOH A . 
C 3 HOH 34 134 16 HOH HOH A . 
C 3 HOH 35 135 17 HOH HOH A . 
C 3 HOH 36 136 29 HOH HOH A . 
C 3 HOH 37 137 32 HOH HOH A . 
C 3 HOH 38 138 34 HOH HOH A . 
C 3 HOH 39 139 35 HOH HOH A . 
C 3 HOH 40 140 38 HOH HOH A . 
C 3 HOH 41 141 41 HOH HOH A . 
C 3 HOH 42 142 45 HOH HOH A . 
C 3 HOH 43 143 49 HOH HOH A . 
C 3 HOH 44 144 52 HOH HOH A . 
C 3 HOH 45 145 54 HOH HOH A . 
C 3 HOH 46 146 56 HOH HOH A . 
C 3 HOH 47 147 59 HOH HOH A . 
C 3 HOH 48 148 63 HOH HOH A . 
C 3 HOH 49 149 64 HOH HOH A . 
C 3 HOH 50 150 81 HOH HOH A . 
C 3 HOH 51 151 85 HOH HOH A . 
C 3 HOH 52 152 94 HOH HOH A . 
D 3 HOH 1  101 74 HOH HOH B . 
D 3 HOH 2  102 22 HOH HOH B . 
D 3 HOH 3  103 77 HOH HOH B . 
D 3 HOH 4  104 36 HOH HOH B . 
D 3 HOH 5  105 30 HOH HOH B . 
D 3 HOH 6  106 33 HOH HOH B . 
D 3 HOH 7  107 71 HOH HOH B . 
D 3 HOH 8  108 9  HOH HOH B . 
D 3 HOH 9  109 6  HOH HOH B . 
D 3 HOH 10 110 23 HOH HOH B . 
D 3 HOH 11 111 18 HOH HOH B . 
D 3 HOH 12 112 40 HOH HOH B . 
D 3 HOH 13 113 19 HOH HOH B . 
D 3 HOH 14 114 73 HOH HOH B . 
D 3 HOH 15 115 43 HOH HOH B . 
D 3 HOH 16 116 10 HOH HOH B . 
D 3 HOH 17 117 82 HOH HOH B . 
D 3 HOH 18 118 21 HOH HOH B . 
D 3 HOH 19 119 8  HOH HOH B . 
D 3 HOH 20 120 55 HOH HOH B . 
D 3 HOH 21 121 95 HOH HOH B . 
D 3 HOH 22 122 13 HOH HOH B . 
D 3 HOH 23 123 84 HOH HOH B . 
D 3 HOH 24 124 79 HOH HOH B . 
D 3 HOH 25 125 60 HOH HOH B . 
D 3 HOH 26 126 46 HOH HOH B . 
D 3 HOH 27 127 68 HOH HOH B . 
D 3 HOH 28 128 92 HOH HOH B . 
D 3 HOH 29 129 7  HOH HOH B . 
D 3 HOH 30 130 20 HOH HOH B . 
D 3 HOH 31 131 27 HOH HOH B . 
D 3 HOH 32 132 28 HOH HOH B . 
D 3 HOH 33 133 50 HOH HOH B . 
D 3 HOH 34 134 53 HOH HOH B . 
D 3 HOH 35 135 61 HOH HOH B . 
D 3 HOH 36 136 62 HOH HOH B . 
D 3 HOH 37 137 70 HOH HOH B . 
D 3 HOH 38 138 76 HOH HOH B . 
D 3 HOH 39 139 78 HOH HOH B . 
D 3 HOH 40 140 80 HOH HOH B . 
D 3 HOH 41 141 87 HOH HOH B . 
D 3 HOH 42 142 88 HOH HOH B . 
D 3 HOH 43 143 89 HOH HOH B . 
D 3 HOH 44 144 91 HOH HOH B . 
D 3 HOH 45 145 93 HOH HOH B . 
# 
_pdbx_struct_assembly.id                   1 
_pdbx_struct_assembly.details              author_and_software_defined_assembly 
_pdbx_struct_assembly.method_details       PISA 
_pdbx_struct_assembly.oligomeric_details   dimeric 
_pdbx_struct_assembly.oligomeric_count     2 
# 
_pdbx_struct_assembly_gen.assembly_id       1 
_pdbx_struct_assembly_gen.oper_expression   1 
_pdbx_struct_assembly_gen.asym_id_list      A,B,C,D 
# 
loop_
_pdbx_struct_assembly_prop.biol_id 
_pdbx_struct_assembly_prop.type 
_pdbx_struct_assembly_prop.value 
_pdbx_struct_assembly_prop.details 
1 'ABSA (A^2)' 1250 ? 
1 MORE         -1   ? 
1 'SSA (A^2)'  2630 ? 
# 
_pdbx_struct_oper_list.id                   1 
_pdbx_struct_oper_list.type                 'identity operation' 
_pdbx_struct_oper_list.name                 1_555 
_pdbx_struct_oper_list.symmetry_operation   x,y,z 
_pdbx_struct_oper_list.matrix[1][1]         1.0000000000 
_pdbx_struct_oper_list.matrix[1][2]         0.0000000000 
_pdbx_struct_oper_list.matrix[1][3]         0.0000000000 
_pdbx_struct_oper_list.vector[1]            0.0000000000 
_pdbx_struct_oper_list.matrix[2][1]         0.0000000000 
_pdbx_struct_oper_list.matrix[2][2]         1.0000000000 
_pdbx_struct_oper_list.matrix[2][3]         0.0000000000 
_pdbx_struct_oper_list.vector[2]            0.0000000000 
_pdbx_struct_oper_list.matrix[3][1]         0.0000000000 
_pdbx_struct_oper_list.matrix[3][2]         0.0000000000 
_pdbx_struct_oper_list.matrix[3][3]         1.0000000000 
_pdbx_struct_oper_list.vector[3]            0.0000000000 
# 
loop_
_pdbx_audit_revision_history.ordinal 
_pdbx_audit_revision_history.data_content_type 
_pdbx_audit_revision_history.major_revision 
_pdbx_audit_revision_history.minor_revision 
_pdbx_audit_revision_history.revision_date 
1 'Structure model' 1 0 2014-08-13 
2 'Structure model' 1 1 2014-09-17 
3 'Structure model' 1 2 2014-10-01 
4 'Structure model' 1 3 2014-10-15 
5 'Structure model' 1 4 2015-01-14 
6 'Structure model' 1 5 2015-08-26 
7 'Structure model' 1 6 2017-09-27 
8 'Structure model' 1 7 2019-11-20 
9 'Structure model' 1 8 2023-09-27 
# 
_pdbx_audit_revision_details.ordinal             1 
_pdbx_audit_revision_details.revision_ordinal    1 
_pdbx_audit_revision_details.data_content_type   'Structure model' 
_pdbx_audit_revision_details.provider            repository 
_pdbx_audit_revision_details.type                'Initial release' 
_pdbx_audit_revision_details.description         ? 
_pdbx_audit_revision_details.details             ? 
# 
loop_
_pdbx_audit_revision_group.ordinal 
_pdbx_audit_revision_group.revision_ordinal 
_pdbx_audit_revision_group.data_content_type 
_pdbx_audit_revision_group.group 
1  2 'Structure model' 'Database references'        
2  3 'Structure model' 'Database references'        
3  4 'Structure model' 'Database references'        
4  5 'Structure model' 'Database references'        
5  6 'Structure model' 'Data collection'            
6  7 'Structure model' 'Derived calculations'       
7  7 'Structure model' 'Refinement description'     
8  8 'Structure model' 'Author supporting evidence' 
9  9 'Structure model' 'Data collection'            
10 9 'Structure model' 'Database references'        
11 9 'Structure model' 'Refinement description'     
# 
loop_
_pdbx_audit_revision_category.ordinal 
_pdbx_audit_revision_category.revision_ordinal 
_pdbx_audit_revision_category.data_content_type 
_pdbx_audit_revision_category.category 
1 7 'Structure model' pdbx_struct_oper_list         
2 7 'Structure model' software                      
3 8 'Structure model' pdbx_audit_support            
4 9 'Structure model' chem_comp_atom                
5 9 'Structure model' chem_comp_bond                
6 9 'Structure model' database_2                    
7 9 'Structure model' pdbx_initial_refinement_model 
# 
loop_
_pdbx_audit_revision_item.ordinal 
_pdbx_audit_revision_item.revision_ordinal 
_pdbx_audit_revision_item.data_content_type 
_pdbx_audit_revision_item.item 
1 7 'Structure model' '_pdbx_struct_oper_list.symmetry_operation' 
2 7 'Structure model' '_software.classification'                  
3 8 'Structure model' '_pdbx_audit_support.funding_organization'  
4 9 'Structure model' '_database_2.pdbx_DOI'                      
5 9 'Structure model' '_database_2.pdbx_database_accession'       
# 
loop_
_pdbx_refine_tls.id 
_pdbx_refine_tls.pdbx_refine_id 
_pdbx_refine_tls.details 
_pdbx_refine_tls.method 
_pdbx_refine_tls.origin_x 
_pdbx_refine_tls.origin_y 
_pdbx_refine_tls.origin_z 
_pdbx_refine_tls.T[1][1] 
_pdbx_refine_tls.T[1][1]_esd 
_pdbx_refine_tls.T[1][2] 
_pdbx_refine_tls.T[1][2]_esd 
_pdbx_refine_tls.T[1][3] 
_pdbx_refine_tls.T[1][3]_esd 
_pdbx_refine_tls.T[2][2] 
_pdbx_refine_tls.T[2][2]_esd 
_pdbx_refine_tls.T[2][3] 
_pdbx_refine_tls.T[2][3]_esd 
_pdbx_refine_tls.T[3][3] 
_pdbx_refine_tls.T[3][3]_esd 
_pdbx_refine_tls.L[1][1] 
_pdbx_refine_tls.L[1][1]_esd 
_pdbx_refine_tls.L[1][2] 
_pdbx_refine_tls.L[1][2]_esd 
_pdbx_refine_tls.L[1][3] 
_pdbx_refine_tls.L[1][3]_esd 
_pdbx_refine_tls.L[2][2] 
_pdbx_refine_tls.L[2][2]_esd 
_pdbx_refine_tls.L[2][3] 
_pdbx_refine_tls.L[2][3]_esd 
_pdbx_refine_tls.L[3][3] 
_pdbx_refine_tls.L[3][3]_esd 
_pdbx_refine_tls.S[1][1] 
_pdbx_refine_tls.S[1][1]_esd 
_pdbx_refine_tls.S[1][2] 
_pdbx_refine_tls.S[1][2]_esd 
_pdbx_refine_tls.S[1][3] 
_pdbx_refine_tls.S[1][3]_esd 
_pdbx_refine_tls.S[2][1] 
_pdbx_refine_tls.S[2][1]_esd 
_pdbx_refine_tls.S[2][2] 
_pdbx_refine_tls.S[2][2]_esd 
_pdbx_refine_tls.S[2][3] 
_pdbx_refine_tls.S[2][3]_esd 
_pdbx_refine_tls.S[3][1] 
_pdbx_refine_tls.S[3][1]_esd 
_pdbx_refine_tls.S[3][2] 
_pdbx_refine_tls.S[3][2]_esd 
_pdbx_refine_tls.S[3][3] 
_pdbx_refine_tls.S[3][3]_esd 
1 'X-RAY DIFFRACTION' ? refined -2.9698 0.5457  -0.1376 0.0449 ? -0.0123 ? -0.0027 ? 0.0290 ? -0.0044 ? 0.0364 ? 0.0111 ? -0.0141 ? -0.0812 ? 1.5404 ? 0.4380  ? 0.9180 ? 0.0143 ? -0.0058 ? -0.0057 ? 0.0543  ? -0.0629 ? -0.0060 ? 0.0320  ? -0.0072 ? 0.0486 ? 
2 'X-RAY DIFFRACTION' ? refined 2.9658  -0.4348 0.0122  0.0183 ? -0.0084 ? 0.0120  ? 0.0335 ? -0.0103 ? 0.0404 ? 0.1887 ? -0.5861 ? 0.2689  ? 1.8402 ? -0.8851 ? 1.2867 ? 0.0103 ? 0.0242  ? 0.0005  ? -0.0093 ? -0.0912 ? 0.0140  ? -0.0074 ? 0.0564  ? 0.0810 ? 
# 
loop_
_pdbx_refine_tls_group.id 
_pdbx_refine_tls_group.pdbx_refine_id 
_pdbx_refine_tls_group.refine_tls_id 
_pdbx_refine_tls_group.beg_label_asym_id 
_pdbx_refine_tls_group.beg_label_seq_id 
_pdbx_refine_tls_group.beg_auth_asym_id 
_pdbx_refine_tls_group.beg_auth_seq_id 
_pdbx_refine_tls_group.end_label_asym_id 
_pdbx_refine_tls_group.end_label_seq_id 
_pdbx_refine_tls_group.end_auth_asym_id 
_pdbx_refine_tls_group.end_auth_seq_id 
_pdbx_refine_tls_group.selection 
_pdbx_refine_tls_group.selection_details 
1 'X-RAY DIFFRACTION' 1 ? ? A 1 ? ? A 7  ? ? 
2 'X-RAY DIFFRACTION' 2 ? ? B 8 ? ? B 14 ? ? 
# 
loop_
_software.citation_id 
_software.classification 
_software.compiler_name 
_software.compiler_version 
_software.contact_author 
_software.contact_author_email 
_software.date 
_software.description 
_software.dependencies 
_software.hardware 
_software.language 
_software.location 
_software.mods 
_software.name 
_software.os 
_software.os_version 
_software.type 
_software.version 
_software.pdbx_ordinal 
? 'data scaling' ? ? ? ? ? ? ? ? ? ? ? HKL-2000 ? ? ? .        1 
? refinement     ? ? ? ? ? ? ? ? ? ? ? REFMAC   ? ? ? 5.6.0117 2 
# 
loop_
_chem_comp_atom.comp_id 
_chem_comp_atom.atom_id 
_chem_comp_atom.type_symbol 
_chem_comp_atom.pdbx_aromatic_flag 
_chem_comp_atom.pdbx_stereo_config 
_chem_comp_atom.pdbx_ordinal 
A   OP3    O N N 1   
A   P      P N N 2   
A   OP1    O N N 3   
A   OP2    O N N 4   
A   "O5'"  O N N 5   
A   "C5'"  C N N 6   
A   "C4'"  C N R 7   
A   "O4'"  O N N 8   
A   "C3'"  C N S 9   
A   "O3'"  O N N 10  
A   "C2'"  C N R 11  
A   "O2'"  O N N 12  
A   "C1'"  C N R 13  
A   N9     N Y N 14  
A   C8     C Y N 15  
A   N7     N Y N 16  
A   C5     C Y N 17  
A   C6     C Y N 18  
A   N6     N N N 19  
A   N1     N Y N 20  
A   C2     C Y N 21  
A   N3     N Y N 22  
A   C4     C Y N 23  
A   HOP3   H N N 24  
A   HOP2   H N N 25  
A   "H5'"  H N N 26  
A   "H5''" H N N 27  
A   "H4'"  H N N 28  
A   "H3'"  H N N 29  
A   "HO3'" H N N 30  
A   "H2'"  H N N 31  
A   "HO2'" H N N 32  
A   "H1'"  H N N 33  
A   H8     H N N 34  
A   H61    H N N 35  
A   H62    H N N 36  
A   H2     H N N 37  
C   OP3    O N N 38  
C   P      P N N 39  
C   OP1    O N N 40  
C   OP2    O N N 41  
C   "O5'"  O N N 42  
C   "C5'"  C N N 43  
C   "C4'"  C N R 44  
C   "O4'"  O N N 45  
C   "C3'"  C N S 46  
C   "O3'"  O N N 47  
C   "C2'"  C N R 48  
C   "O2'"  O N N 49  
C   "C1'"  C N R 50  
C   N1     N N N 51  
C   C2     C N N 52  
C   O2     O N N 53  
C   N3     N N N 54  
C   C4     C N N 55  
C   N4     N N N 56  
C   C5     C N N 57  
C   C6     C N N 58  
C   HOP3   H N N 59  
C   HOP2   H N N 60  
C   "H5'"  H N N 61  
C   "H5''" H N N 62  
C   "H4'"  H N N 63  
C   "H3'"  H N N 64  
C   "HO3'" H N N 65  
C   "H2'"  H N N 66  
C   "HO2'" H N N 67  
C   "H1'"  H N N 68  
C   H41    H N N 69  
C   H42    H N N 70  
C   H5     H N N 71  
C   H6     H N N 72  
G   OP3    O N N 73  
G   P      P N N 74  
G   OP1    O N N 75  
G   OP2    O N N 76  
G   "O5'"  O N N 77  
G   "C5'"  C N N 78  
G   "C4'"  C N R 79  
G   "O4'"  O N N 80  
G   "C3'"  C N S 81  
G   "O3'"  O N N 82  
G   "C2'"  C N R 83  
G   "O2'"  O N N 84  
G   "C1'"  C N R 85  
G   N9     N Y N 86  
G   C8     C Y N 87  
G   N7     N Y N 88  
G   C5     C Y N 89  
G   C6     C N N 90  
G   O6     O N N 91  
G   N1     N N N 92  
G   C2     C N N 93  
G   N2     N N N 94  
G   N3     N N N 95  
G   C4     C Y N 96  
G   HOP3   H N N 97  
G   HOP2   H N N 98  
G   "H5'"  H N N 99  
G   "H5''" H N N 100 
G   "H4'"  H N N 101 
G   "H3'"  H N N 102 
G   "HO3'" H N N 103 
G   "H2'"  H N N 104 
G   "HO2'" H N N 105 
G   "H1'"  H N N 106 
G   H8     H N N 107 
G   H1     H N N 108 
G   H21    H N N 109 
G   H22    H N N 110 
HOH O      O N N 111 
HOH H1     H N N 112 
HOH H2     H N N 113 
SUR P      P N N 114 
SUR OP1    O N N 115 
SUR OP2    O N N 116 
SUR OP3    O N N 117 
SUR "O5'"  O N N 118 
SUR "C5'"  C N N 119 
SUR "C4'"  C N R 120 
SUR "O4'"  O N N 121 
SUR "C3'"  C N S 122 
SUR "C1'"  C N R 123 
SUR N1     N N N 124 
SUR "C2'"  C N R 125 
SUR C6     C N N 126 
SUR C2     C N N 127 
SUR C5     C N N 128 
SUR S2     S N N 129 
SUR N3     N N N 130 
SUR C4     C N N 131 
SUR O4     O N N 132 
SUR "O2'"  O N N 133 
SUR "O3'"  O N N 134 
SUR HOP1   H N N 135 
SUR HOP3   H N N 136 
SUR "H5'1" H N N 137 
SUR "H5'2" H N N 138 
SUR "H4'"  H N N 139 
SUR "H3'"  H N N 140 
SUR "H1'"  H N N 141 
SUR "H2'"  H N N 142 
SUR HC6    H N N 143 
SUR HC5    H N N 144 
SUR HN3    H N N 145 
SUR HO2    H N N 146 
SUR HO3    H N N 147 
U   OP3    O N N 148 
U   P      P N N 149 
U   OP1    O N N 150 
U   OP2    O N N 151 
U   "O5'"  O N N 152 
U   "C5'"  C N N 153 
U   "C4'"  C N R 154 
U   "O4'"  O N N 155 
U   "C3'"  C N S 156 
U   "O3'"  O N N 157 
U   "C2'"  C N R 158 
U   "O2'"  O N N 159 
U   "C1'"  C N R 160 
U   N1     N N N 161 
U   C2     C N N 162 
U   O2     O N N 163 
U   N3     N N N 164 
U   C4     C N N 165 
U   O4     O N N 166 
U   C5     C N N 167 
U   C6     C N N 168 
U   HOP3   H N N 169 
U   HOP2   H N N 170 
U   "H5'"  H N N 171 
U   "H5''" H N N 172 
U   "H4'"  H N N 173 
U   "H3'"  H N N 174 
U   "HO3'" H N N 175 
U   "H2'"  H N N 176 
U   "HO2'" H N N 177 
U   "H1'"  H N N 178 
U   H3     H N N 179 
U   H5     H N N 180 
U   H6     H N N 181 
# 
loop_
_chem_comp_bond.comp_id 
_chem_comp_bond.atom_id_1 
_chem_comp_bond.atom_id_2 
_chem_comp_bond.value_order 
_chem_comp_bond.pdbx_aromatic_flag 
_chem_comp_bond.pdbx_stereo_config 
_chem_comp_bond.pdbx_ordinal 
A   OP3   P      sing N N 1   
A   OP3   HOP3   sing N N 2   
A   P     OP1    doub N N 3   
A   P     OP2    sing N N 4   
A   P     "O5'"  sing N N 5   
A   OP2   HOP2   sing N N 6   
A   "O5'" "C5'"  sing N N 7   
A   "C5'" "C4'"  sing N N 8   
A   "C5'" "H5'"  sing N N 9   
A   "C5'" "H5''" sing N N 10  
A   "C4'" "O4'"  sing N N 11  
A   "C4'" "C3'"  sing N N 12  
A   "C4'" "H4'"  sing N N 13  
A   "O4'" "C1'"  sing N N 14  
A   "C3'" "O3'"  sing N N 15  
A   "C3'" "C2'"  sing N N 16  
A   "C3'" "H3'"  sing N N 17  
A   "O3'" "HO3'" sing N N 18  
A   "C2'" "O2'"  sing N N 19  
A   "C2'" "C1'"  sing N N 20  
A   "C2'" "H2'"  sing N N 21  
A   "O2'" "HO2'" sing N N 22  
A   "C1'" N9     sing N N 23  
A   "C1'" "H1'"  sing N N 24  
A   N9    C8     sing Y N 25  
A   N9    C4     sing Y N 26  
A   C8    N7     doub Y N 27  
A   C8    H8     sing N N 28  
A   N7    C5     sing Y N 29  
A   C5    C6     sing Y N 30  
A   C5    C4     doub Y N 31  
A   C6    N6     sing N N 32  
A   C6    N1     doub Y N 33  
A   N6    H61    sing N N 34  
A   N6    H62    sing N N 35  
A   N1    C2     sing Y N 36  
A   C2    N3     doub Y N 37  
A   C2    H2     sing N N 38  
A   N3    C4     sing Y N 39  
C   OP3   P      sing N N 40  
C   OP3   HOP3   sing N N 41  
C   P     OP1    doub N N 42  
C   P     OP2    sing N N 43  
C   P     "O5'"  sing N N 44  
C   OP2   HOP2   sing N N 45  
C   "O5'" "C5'"  sing N N 46  
C   "C5'" "C4'"  sing N N 47  
C   "C5'" "H5'"  sing N N 48  
C   "C5'" "H5''" sing N N 49  
C   "C4'" "O4'"  sing N N 50  
C   "C4'" "C3'"  sing N N 51  
C   "C4'" "H4'"  sing N N 52  
C   "O4'" "C1'"  sing N N 53  
C   "C3'" "O3'"  sing N N 54  
C   "C3'" "C2'"  sing N N 55  
C   "C3'" "H3'"  sing N N 56  
C   "O3'" "HO3'" sing N N 57  
C   "C2'" "O2'"  sing N N 58  
C   "C2'" "C1'"  sing N N 59  
C   "C2'" "H2'"  sing N N 60  
C   "O2'" "HO2'" sing N N 61  
C   "C1'" N1     sing N N 62  
C   "C1'" "H1'"  sing N N 63  
C   N1    C2     sing N N 64  
C   N1    C6     sing N N 65  
C   C2    O2     doub N N 66  
C   C2    N3     sing N N 67  
C   N3    C4     doub N N 68  
C   C4    N4     sing N N 69  
C   C4    C5     sing N N 70  
C   N4    H41    sing N N 71  
C   N4    H42    sing N N 72  
C   C5    C6     doub N N 73  
C   C5    H5     sing N N 74  
C   C6    H6     sing N N 75  
G   OP3   P      sing N N 76  
G   OP3   HOP3   sing N N 77  
G   P     OP1    doub N N 78  
G   P     OP2    sing N N 79  
G   P     "O5'"  sing N N 80  
G   OP2   HOP2   sing N N 81  
G   "O5'" "C5'"  sing N N 82  
G   "C5'" "C4'"  sing N N 83  
G   "C5'" "H5'"  sing N N 84  
G   "C5'" "H5''" sing N N 85  
G   "C4'" "O4'"  sing N N 86  
G   "C4'" "C3'"  sing N N 87  
G   "C4'" "H4'"  sing N N 88  
G   "O4'" "C1'"  sing N N 89  
G   "C3'" "O3'"  sing N N 90  
G   "C3'" "C2'"  sing N N 91  
G   "C3'" "H3'"  sing N N 92  
G   "O3'" "HO3'" sing N N 93  
G   "C2'" "O2'"  sing N N 94  
G   "C2'" "C1'"  sing N N 95  
G   "C2'" "H2'"  sing N N 96  
G   "O2'" "HO2'" sing N N 97  
G   "C1'" N9     sing N N 98  
G   "C1'" "H1'"  sing N N 99  
G   N9    C8     sing Y N 100 
G   N9    C4     sing Y N 101 
G   C8    N7     doub Y N 102 
G   C8    H8     sing N N 103 
G   N7    C5     sing Y N 104 
G   C5    C6     sing N N 105 
G   C5    C4     doub Y N 106 
G   C6    O6     doub N N 107 
G   C6    N1     sing N N 108 
G   N1    C2     sing N N 109 
G   N1    H1     sing N N 110 
G   C2    N2     sing N N 111 
G   C2    N3     doub N N 112 
G   N2    H21    sing N N 113 
G   N2    H22    sing N N 114 
G   N3    C4     sing N N 115 
HOH O     H1     sing N N 116 
HOH O     H2     sing N N 117 
SUR P     OP1    sing N N 118 
SUR P     OP2    doub N N 119 
SUR P     OP3    sing N N 120 
SUR P     "O5'"  sing N N 121 
SUR OP1   HOP1   sing N N 122 
SUR OP3   HOP3   sing N N 123 
SUR "O5'" "C5'"  sing N N 124 
SUR "C5'" "C4'"  sing N N 125 
SUR "C5'" "H5'1" sing N N 126 
SUR "C5'" "H5'2" sing N N 127 
SUR "C4'" "O4'"  sing N N 128 
SUR "C4'" "C3'"  sing N N 129 
SUR "C4'" "H4'"  sing N N 130 
SUR "O4'" "C1'"  sing N N 131 
SUR "C3'" "C2'"  sing N N 132 
SUR "C3'" "O3'"  sing N N 133 
SUR "C3'" "H3'"  sing N N 134 
SUR "C1'" N1     sing N N 135 
SUR "C1'" "C2'"  sing N N 136 
SUR "C1'" "H1'"  sing N N 137 
SUR N1    C6     sing N N 138 
SUR N1    C2     sing N N 139 
SUR "C2'" "O2'"  sing N N 140 
SUR "C2'" "H2'"  sing N N 141 
SUR C6    C5     doub N N 142 
SUR C6    HC6    sing N N 143 
SUR C2    S2     doub N N 144 
SUR C2    N3     sing N N 145 
SUR C5    C4     sing N N 146 
SUR C5    HC5    sing N N 147 
SUR N3    C4     sing N N 148 
SUR N3    HN3    sing N N 149 
SUR C4    O4     doub N N 150 
SUR "O2'" HO2    sing N N 151 
SUR "O3'" HO3    sing N N 152 
U   OP3   P      sing N N 153 
U   OP3   HOP3   sing N N 154 
U   P     OP1    doub N N 155 
U   P     OP2    sing N N 156 
U   P     "O5'"  sing N N 157 
U   OP2   HOP2   sing N N 158 
U   "O5'" "C5'"  sing N N 159 
U   "C5'" "C4'"  sing N N 160 
U   "C5'" "H5'"  sing N N 161 
U   "C5'" "H5''" sing N N 162 
U   "C4'" "O4'"  sing N N 163 
U   "C4'" "C3'"  sing N N 164 
U   "C4'" "H4'"  sing N N 165 
U   "O4'" "C1'"  sing N N 166 
U   "C3'" "O3'"  sing N N 167 
U   "C3'" "C2'"  sing N N 168 
U   "C3'" "H3'"  sing N N 169 
U   "O3'" "HO3'" sing N N 170 
U   "C2'" "O2'"  sing N N 171 
U   "C2'" "C1'"  sing N N 172 
U   "C2'" "H2'"  sing N N 173 
U   "O2'" "HO2'" sing N N 174 
U   "C1'" N1     sing N N 175 
U   "C1'" "H1'"  sing N N 176 
U   N1    C2     sing N N 177 
U   N1    C6     sing N N 178 
U   C2    O2     doub N N 179 
U   C2    N3     sing N N 180 
U   N3    C4     sing N N 181 
U   N3    H3     sing N N 182 
U   C4    O4     doub N N 183 
U   C4    C5     sing N N 184 
U   C5    C6     doub N N 185 
U   C5    H5     sing N N 186 
U   C6    H6     sing N N 187 
# 
_ndb_struct_conf_na.entry_id   4U34 
_ndb_struct_conf_na.feature    'a-form double helix' 
# 
loop_
_ndb_struct_na_base_pair.model_number 
_ndb_struct_na_base_pair.i_label_asym_id 
_ndb_struct_na_base_pair.i_label_comp_id 
_ndb_struct_na_base_pair.i_label_seq_id 
_ndb_struct_na_base_pair.i_symmetry 
_ndb_struct_na_base_pair.j_label_asym_id 
_ndb_struct_na_base_pair.j_label_comp_id 
_ndb_struct_na_base_pair.j_label_seq_id 
_ndb_struct_na_base_pair.j_symmetry 
_ndb_struct_na_base_pair.shear 
_ndb_struct_na_base_pair.stretch 
_ndb_struct_na_base_pair.stagger 
_ndb_struct_na_base_pair.buckle 
_ndb_struct_na_base_pair.propeller 
_ndb_struct_na_base_pair.opening 
_ndb_struct_na_base_pair.pair_number 
_ndb_struct_na_base_pair.pair_name 
_ndb_struct_na_base_pair.i_auth_asym_id 
_ndb_struct_na_base_pair.i_auth_seq_id 
_ndb_struct_na_base_pair.i_PDB_ins_code 
_ndb_struct_na_base_pair.j_auth_asym_id 
_ndb_struct_na_base_pair.j_auth_seq_id 
_ndb_struct_na_base_pair.j_PDB_ins_code 
_ndb_struct_na_base_pair.hbond_type_28 
_ndb_struct_na_base_pair.hbond_type_12 
1 A U   1 1_555 B A 7 1_555 -0.116 -0.027 0.061  -0.983 -3.485  2.611  1 A_U1:A14_B   A 1 ? B 14 ? 20 1 
1 A A   2 1_555 B U 6 1_555 0.071  -0.051 0.174  2.702  -12.134 3.369  2 A_A2:U13_B   A 2 ? B 13 ? 20 1 
1 A G   3 1_555 B C 5 1_555 -0.031 -0.179 0.100  3.405  -11.057 -2.318 3 A_G3:C12_B   A 3 ? B 12 ? 19 1 
1 A C   4 1_555 B G 4 1_555 0.241  -0.101 0.063  3.970  -16.667 3.147  4 A_C4:G11_B   A 4 ? B 11 ? 19 1 
1 A SUR 5 1_555 B A 3 1_555 -0.183 -0.126 -0.068 -1.967 -9.277  -3.060 5 A_SUR5:A10_B A 5 ? B 10 ? 20 1 
1 A C   6 1_555 B G 2 1_555 0.201  -0.139 -0.032 2.832  -11.764 1.144  6 A_C6:G9_B    A 6 ? B 9  ? 19 1 
1 A C   7 1_555 B G 1 1_555 0.223  -0.163 -0.116 4.816  -2.587  -1.247 7 A_C7:G8_B    A 7 ? B 8  ? 19 1 
# 
loop_
_ndb_struct_na_base_pair_step.model_number 
_ndb_struct_na_base_pair_step.i_label_asym_id_1 
_ndb_struct_na_base_pair_step.i_label_comp_id_1 
_ndb_struct_na_base_pair_step.i_label_seq_id_1 
_ndb_struct_na_base_pair_step.i_symmetry_1 
_ndb_struct_na_base_pair_step.j_label_asym_id_1 
_ndb_struct_na_base_pair_step.j_label_comp_id_1 
_ndb_struct_na_base_pair_step.j_label_seq_id_1 
_ndb_struct_na_base_pair_step.j_symmetry_1 
_ndb_struct_na_base_pair_step.i_label_asym_id_2 
_ndb_struct_na_base_pair_step.i_label_comp_id_2 
_ndb_struct_na_base_pair_step.i_label_seq_id_2 
_ndb_struct_na_base_pair_step.i_symmetry_2 
_ndb_struct_na_base_pair_step.j_label_asym_id_2 
_ndb_struct_na_base_pair_step.j_label_comp_id_2 
_ndb_struct_na_base_pair_step.j_label_seq_id_2 
_ndb_struct_na_base_pair_step.j_symmetry_2 
_ndb_struct_na_base_pair_step.shift 
_ndb_struct_na_base_pair_step.slide 
_ndb_struct_na_base_pair_step.rise 
_ndb_struct_na_base_pair_step.tilt 
_ndb_struct_na_base_pair_step.roll 
_ndb_struct_na_base_pair_step.twist 
_ndb_struct_na_base_pair_step.x_displacement 
_ndb_struct_na_base_pair_step.y_displacement 
_ndb_struct_na_base_pair_step.helical_rise 
_ndb_struct_na_base_pair_step.inclination 
_ndb_struct_na_base_pair_step.tip 
_ndb_struct_na_base_pair_step.helical_twist 
_ndb_struct_na_base_pair_step.step_number 
_ndb_struct_na_base_pair_step.step_name 
_ndb_struct_na_base_pair_step.i_auth_asym_id_1 
_ndb_struct_na_base_pair_step.i_auth_seq_id_1 
_ndb_struct_na_base_pair_step.i_PDB_ins_code_1 
_ndb_struct_na_base_pair_step.j_auth_asym_id_1 
_ndb_struct_na_base_pair_step.j_auth_seq_id_1 
_ndb_struct_na_base_pair_step.j_PDB_ins_code_1 
_ndb_struct_na_base_pair_step.i_auth_asym_id_2 
_ndb_struct_na_base_pair_step.i_auth_seq_id_2 
_ndb_struct_na_base_pair_step.i_PDB_ins_code_2 
_ndb_struct_na_base_pair_step.j_auth_asym_id_2 
_ndb_struct_na_base_pair_step.j_auth_seq_id_2 
_ndb_struct_na_base_pair_step.j_PDB_ins_code_2 
1 A U   1 1_555 B A 7 1_555 A A   2 1_555 B U 6 1_555 0.182  -1.442 3.124 0.547  6.735  31.309 -3.722 -0.241 2.764 12.300 -0.999 
32.012 1 AA_U1A2:U13A14_BB   A 1 ? B 14 ? A 2 ? B 13 ? 
1 A A   2 1_555 B U 6 1_555 A G   3 1_555 B C 5 1_555 -0.898 -1.190 3.215 -1.413 4.984  32.875 -2.879 1.342  3.042 8.740  2.477  
33.269 2 AA_A2G3:C12U13_BB   A 2 ? B 13 ? A 3 ? B 12 ? 
1 A G   3 1_555 B C 5 1_555 A C   4 1_555 B G 4 1_555 0.909  -1.506 3.157 2.038  6.280  34.139 -3.417 -1.231 2.890 10.575 -3.432 
34.753 3 AA_G3C4:G11C12_BB   A 3 ? B 12 ? A 4 ? B 11 ? 
1 A C   4 1_555 B G 4 1_555 A SUR 5 1_555 B A 3 1_555 -1.031 -1.770 3.347 -2.443 10.617 29.866 -5.080 1.460  2.652 19.791 4.553  
31.749 4 AA_C4SUR5:A10G11_BB A 4 ? B 11 ? A 5 ? B 10 ? 
1 A SUR 5 1_555 B A 3 1_555 A C   6 1_555 B G 2 1_555 0.554  -1.205 3.199 0.614  4.722  33.366 -2.812 -0.860 3.014 8.172  -1.062 
33.695 5 AA_SUR5C6:G9A10_BB  A 5 ? B 10 ? A 6 ? B 9  ? 
1 A C   6 1_555 B G 2 1_555 A C   7 1_555 B G 1 1_555 -0.238 -1.745 3.243 -1.068 4.301  31.810 -3.894 0.246  2.994 7.799  1.937  
32.109 6 AA_C6C7:G8G9_BB     A 6 ? B 9  ? A 7 ? B 8  ? 
# 
_pdbx_audit_support.funding_organization   'Howard Hughes Medical Institute (HHMI)' 
_pdbx_audit_support.country                'United States' 
_pdbx_audit_support.grant_number           ? 
_pdbx_audit_support.ordinal                1 
# 
_pdbx_entity_nonpoly.entity_id   3 
_pdbx_entity_nonpoly.name        water 
_pdbx_entity_nonpoly.comp_id     HOH 
# 
_pdbx_initial_refinement_model.id               1 
_pdbx_initial_refinement_model.entity_id_list   ? 
_pdbx_initial_refinement_model.type             'experimental model' 
_pdbx_initial_refinement_model.source_name      PDB 
_pdbx_initial_refinement_model.accession_code   434D 
_pdbx_initial_refinement_model.details          ? 
# 
